data_1I26
#
_entry.id   1I26
#
_entity_poly.entity_id   1
_entity_poly.type   'polypeptide(L)'
_entity_poly.pdbx_seq_one_letter_code
;AEKDCIAPGAPCFGTDKPCCNPRAWCSSYANKCL
;
_entity_poly.pdbx_strand_id   A
#
# COMPACT_ATOMS: atom_id res chain seq x y z
N ALA A 1 -14.33 -2.51 2.60
CA ALA A 1 -14.10 -3.66 3.50
C ALA A 1 -12.76 -4.32 3.21
N GLU A 2 -11.78 -3.51 2.84
CA GLU A 2 -10.44 -4.02 2.54
C GLU A 2 -9.75 -4.51 3.81
N LYS A 3 -8.81 -5.45 3.64
CA LYS A 3 -8.08 -6.00 4.77
C LYS A 3 -7.16 -4.95 5.40
N ASP A 4 -6.45 -5.33 6.45
CA ASP A 4 -5.53 -4.43 7.13
C ASP A 4 -4.46 -3.93 6.17
N CYS A 5 -3.82 -4.85 5.47
CA CYS A 5 -2.77 -4.51 4.52
C CYS A 5 -3.34 -3.82 3.29
N ILE A 6 -2.48 -3.14 2.54
CA ILE A 6 -2.90 -2.43 1.34
C ILE A 6 -2.97 -3.37 0.14
N ALA A 7 -4.10 -3.36 -0.55
CA ALA A 7 -4.30 -4.21 -1.72
C ALA A 7 -3.43 -3.74 -2.88
N PRO A 8 -3.21 -4.61 -3.88
CA PRO A 8 -2.40 -4.27 -5.06
C PRO A 8 -2.97 -3.08 -5.83
N GLY A 9 -2.11 -2.12 -6.15
CA GLY A 9 -2.56 -0.95 -6.87
C GLY A 9 -3.49 -0.08 -6.06
N ALA A 10 -3.50 -0.28 -4.75
CA ALA A 10 -4.35 0.50 -3.86
C ALA A 10 -3.58 1.64 -3.22
N PRO A 11 -4.24 2.80 -3.00
CA PRO A 11 -3.61 3.96 -2.39
C PRO A 11 -3.09 3.66 -0.99
N CYS A 12 -1.85 3.19 -0.91
CA CYS A 12 -1.23 2.86 0.37
C CYS A 12 -0.89 4.14 1.12
N PHE A 13 -0.49 5.16 0.37
CA PHE A 13 -0.13 6.45 0.96
C PHE A 13 -1.29 7.02 1.77
N GLY A 14 -1.15 7.02 3.09
CA GLY A 14 -2.20 7.55 3.95
C GLY A 14 -2.26 6.85 5.29
N THR A 15 -1.68 5.66 5.37
CA THR A 15 -1.68 4.89 6.61
C THR A 15 -0.26 4.47 7.00
N ASP A 16 0.74 5.15 6.43
CA ASP A 16 2.14 4.86 6.73
C ASP A 16 2.41 3.35 6.76
N LYS A 17 1.60 2.59 6.04
CA LYS A 17 1.76 1.14 5.99
C LYS A 17 1.98 0.66 4.56
N PRO A 18 2.91 -0.29 4.35
CA PRO A 18 3.20 -0.83 3.03
C PRO A 18 2.15 -1.82 2.54
N CYS A 19 2.40 -2.41 1.38
CA CYS A 19 1.48 -3.39 0.80
C CYS A 19 1.47 -4.69 1.61
N CYS A 20 0.53 -5.57 1.29
CA CYS A 20 0.42 -6.85 1.97
C CYS A 20 1.67 -7.70 1.78
N ASN A 21 2.37 -7.47 0.67
CA ASN A 21 3.59 -8.22 0.36
C ASN A 21 4.71 -7.84 1.32
N PRO A 22 5.48 -8.84 1.81
CA PRO A 22 6.58 -8.59 2.75
C PRO A 22 7.77 -7.88 2.11
N ARG A 23 7.64 -7.52 0.85
CA ARG A 23 8.70 -6.82 0.13
C ARG A 23 8.16 -5.67 -0.70
N ALA A 24 6.88 -5.33 -0.49
CA ALA A 24 6.25 -4.25 -1.24
C ALA A 24 6.24 -2.96 -0.41
N TRP A 25 6.93 -1.94 -0.93
CA TRP A 25 7.00 -0.65 -0.24
C TRP A 25 5.93 0.29 -0.77
N CYS A 26 5.63 1.34 -0.02
CA CYS A 26 4.63 2.31 -0.41
C CYS A 26 5.13 3.14 -1.60
N SER A 27 4.21 3.52 -2.48
CA SER A 27 4.56 4.31 -3.65
C SER A 27 3.82 5.65 -3.64
N SER A 28 4.29 6.57 -2.82
CA SER A 28 3.68 7.89 -2.72
C SER A 28 3.83 8.66 -4.02
N TYR A 29 4.76 8.23 -4.86
CA TYR A 29 5.00 8.84 -6.14
C TYR A 29 3.69 9.01 -6.87
N ALA A 30 2.88 7.97 -6.76
CA ALA A 30 1.57 7.94 -7.39
C ALA A 30 0.51 7.44 -6.41
N ASN A 31 0.76 7.61 -5.11
CA ASN A 31 -0.18 7.19 -4.08
C ASN A 31 -0.68 5.77 -4.36
N LYS A 32 0.11 4.77 -3.96
CA LYS A 32 -0.27 3.37 -4.17
C LYS A 32 0.82 2.43 -3.66
N CYS A 33 0.43 1.21 -3.31
CA CYS A 33 1.37 0.22 -2.82
C CYS A 33 2.31 -0.25 -3.93
N LEU A 34 3.60 -0.15 -3.69
CA LEU A 34 4.60 -0.56 -4.66
C LEU A 34 4.99 -2.02 -4.46
N ALA A 1 -14.01 -1.98 4.90
CA ALA A 1 -12.57 -1.82 4.57
C ALA A 1 -11.82 -3.14 4.69
N GLU A 2 -10.93 -3.40 3.74
CA GLU A 2 -10.15 -4.64 3.75
C GLU A 2 -9.30 -4.74 5.00
N LYS A 3 -8.47 -5.77 5.06
CA LYS A 3 -7.60 -6.00 6.21
C LYS A 3 -6.65 -4.82 6.41
N ASP A 4 -5.71 -4.96 7.34
CA ASP A 4 -4.75 -3.91 7.62
C ASP A 4 -3.91 -3.59 6.39
N CYS A 5 -3.36 -4.63 5.77
CA CYS A 5 -2.53 -4.47 4.58
C CYS A 5 -3.38 -4.05 3.38
N ILE A 6 -2.75 -3.47 2.38
CA ILE A 6 -3.46 -3.03 1.18
C ILE A 6 -2.96 -3.77 -0.06
N ALA A 7 -3.86 -3.97 -1.03
CA ALA A 7 -3.53 -4.66 -2.26
C ALA A 7 -2.60 -3.82 -3.15
N PRO A 8 -1.62 -4.46 -3.80
CA PRO A 8 -0.67 -3.77 -4.68
C PRO A 8 -1.37 -3.07 -5.83
N GLY A 9 -1.03 -1.80 -6.04
CA GLY A 9 -1.64 -1.03 -7.10
C GLY A 9 -2.67 -0.04 -6.59
N ALA A 10 -3.22 -0.31 -5.40
CA ALA A 10 -4.21 0.58 -4.81
C ALA A 10 -3.55 1.79 -4.16
N PRO A 11 -4.32 2.87 -3.94
CA PRO A 11 -3.80 4.09 -3.31
C PRO A 11 -3.43 3.82 -1.86
N CYS A 12 -2.19 3.41 -1.63
CA CYS A 12 -1.73 3.12 -0.28
C CYS A 12 -1.59 4.42 0.52
N PHE A 13 -1.25 5.49 -0.18
CA PHE A 13 -1.09 6.79 0.46
C PHE A 13 -2.34 7.17 1.25
N GLY A 14 -2.21 7.20 2.57
CA GLY A 14 -3.33 7.56 3.41
C GLY A 14 -3.32 6.87 4.76
N THR A 15 -2.55 5.80 4.87
CA THR A 15 -2.46 5.05 6.13
C THR A 15 -1.02 4.66 6.45
N ASP A 16 -0.07 5.23 5.72
CA ASP A 16 1.36 4.97 5.93
C ASP A 16 1.66 3.47 6.12
N LYS A 17 0.80 2.61 5.60
CA LYS A 17 1.01 1.17 5.71
C LYS A 17 1.41 0.57 4.36
N PRO A 18 2.38 -0.35 4.36
CA PRO A 18 2.86 -0.99 3.14
C PRO A 18 1.92 -2.07 2.62
N CYS A 19 2.33 -2.74 1.55
CA CYS A 19 1.54 -3.80 0.95
C CYS A 19 1.53 -5.04 1.84
N CYS A 20 0.55 -5.91 1.61
CA CYS A 20 0.44 -7.14 2.38
C CYS A 20 1.65 -8.03 2.12
N ASN A 21 2.15 -7.98 0.89
CA ASN A 21 3.31 -8.76 0.51
C ASN A 21 4.57 -8.23 1.18
N PRO A 22 5.46 -9.12 1.65
CA PRO A 22 6.71 -8.72 2.31
C PRO A 22 7.73 -8.12 1.35
N ARG A 23 7.33 -7.97 0.09
CA ARG A 23 8.20 -7.42 -0.93
C ARG A 23 7.62 -6.13 -1.53
N ALA A 24 6.37 -5.83 -1.18
CA ALA A 24 5.71 -4.63 -1.70
C ALA A 24 5.61 -3.55 -0.62
N TRP A 25 5.94 -2.32 -0.99
CA TRP A 25 5.89 -1.21 -0.05
C TRP A 25 5.06 -0.05 -0.57
N CYS A 26 4.81 0.92 0.31
CA CYS A 26 4.01 2.10 -0.02
C CYS A 26 4.75 3.03 -0.98
N SER A 27 4.01 3.61 -1.92
CA SER A 27 4.59 4.54 -2.88
C SER A 27 3.80 5.85 -2.90
N SER A 28 4.02 6.67 -1.88
CA SER A 28 3.34 7.96 -1.78
C SER A 28 3.77 8.90 -2.89
N TYR A 29 4.92 8.60 -3.48
CA TYR A 29 5.45 9.39 -4.57
C TYR A 29 4.37 9.63 -5.59
N ALA A 30 3.61 8.58 -5.83
CA ALA A 30 2.52 8.63 -6.79
C ALA A 30 1.26 7.95 -6.23
N ASN A 31 1.15 7.95 -4.91
CA ASN A 31 0.00 7.33 -4.24
C ASN A 31 -0.30 5.96 -4.85
N LYS A 32 0.35 4.92 -4.34
CA LYS A 32 0.15 3.57 -4.83
C LYS A 32 1.20 2.61 -4.29
N CYS A 33 0.86 1.34 -4.20
CA CYS A 33 1.78 0.34 -3.70
C CYS A 33 2.90 0.07 -4.68
N LEU A 34 3.80 -0.80 -4.28
CA LEU A 34 4.95 -1.18 -5.08
C LEU A 34 5.06 -2.70 -5.16
N ALA A 1 -12.83 -9.24 0.79
CA ALA A 1 -12.53 -9.01 2.22
C ALA A 1 -11.17 -8.31 2.39
N GLU A 2 -11.16 -7.00 2.16
CA GLU A 2 -9.92 -6.23 2.29
C GLU A 2 -9.50 -6.11 3.75
N LYS A 3 -8.38 -6.73 4.07
CA LYS A 3 -7.85 -6.70 5.44
C LYS A 3 -7.35 -5.31 5.80
N ASP A 4 -6.66 -5.20 6.93
CA ASP A 4 -6.12 -3.92 7.38
C ASP A 4 -5.13 -3.36 6.37
N CYS A 5 -4.44 -4.25 5.66
CA CYS A 5 -3.46 -3.84 4.67
C CYS A 5 -4.15 -3.29 3.42
N ILE A 6 -3.37 -2.96 2.41
CA ILE A 6 -3.92 -2.41 1.17
C ILE A 6 -3.27 -3.05 -0.05
N ALA A 7 -4.10 -3.67 -0.89
CA ALA A 7 -3.63 -4.33 -2.09
C ALA A 7 -3.17 -3.31 -3.14
N PRO A 8 -2.56 -3.79 -4.24
CA PRO A 8 -2.08 -2.90 -5.31
C PRO A 8 -3.17 -1.97 -5.83
N GLY A 9 -2.80 -0.72 -6.09
CA GLY A 9 -3.77 0.24 -6.58
C GLY A 9 -4.34 1.09 -5.48
N ALA A 10 -4.36 0.56 -4.26
CA ALA A 10 -4.89 1.28 -3.11
C ALA A 10 -3.96 2.44 -2.73
N PRO A 11 -4.52 3.65 -2.55
CA PRO A 11 -3.74 4.83 -2.19
C PRO A 11 -3.08 4.70 -0.82
N CYS A 12 -1.89 4.12 -0.81
CA CYS A 12 -1.14 3.93 0.44
C CYS A 12 -0.50 5.23 0.89
N PHE A 13 -0.22 6.12 -0.07
CA PHE A 13 0.42 7.42 0.21
C PHE A 13 0.32 7.80 1.69
N GLY A 14 1.46 7.79 2.37
CA GLY A 14 1.49 8.12 3.78
C GLY A 14 2.49 7.30 4.54
N THR A 15 2.68 6.06 4.10
CA THR A 15 3.63 5.13 4.71
C THR A 15 3.07 4.50 5.98
N ASP A 16 1.96 5.04 6.50
CA ASP A 16 1.36 4.51 7.71
C ASP A 16 0.54 3.24 7.43
N LYS A 17 0.69 2.70 6.23
CA LYS A 17 -0.03 1.49 5.84
C LYS A 17 0.50 0.94 4.51
N PRO A 18 1.55 0.10 4.55
CA PRO A 18 2.14 -0.48 3.35
C PRO A 18 1.21 -1.48 2.68
N CYS A 19 1.69 -2.13 1.63
CA CYS A 19 0.90 -3.12 0.91
C CYS A 19 0.72 -4.39 1.75
N CYS A 20 -0.23 -5.23 1.35
CA CYS A 20 -0.48 -6.47 2.06
C CYS A 20 0.76 -7.35 2.09
N ASN A 21 1.49 -7.36 0.99
CA ASN A 21 2.71 -8.16 0.88
C ASN A 21 3.80 -7.58 1.76
N PRO A 22 4.54 -8.43 2.50
CA PRO A 22 5.63 -7.99 3.38
C PRO A 22 6.85 -7.49 2.62
N ARG A 23 6.76 -7.47 1.29
CA ARG A 23 7.85 -7.03 0.45
C ARG A 23 7.43 -5.80 -0.38
N ALA A 24 6.15 -5.46 -0.33
CA ALA A 24 5.65 -4.31 -1.09
C ALA A 24 5.61 -3.06 -0.22
N TRP A 25 6.45 -2.08 -0.58
CA TRP A 25 6.51 -0.83 0.17
C TRP A 25 5.56 0.20 -0.44
N CYS A 26 5.41 1.34 0.22
CA CYS A 26 4.53 2.39 -0.26
C CYS A 26 5.09 3.05 -1.52
N SER A 27 4.20 3.43 -2.43
CA SER A 27 4.61 4.09 -3.66
C SER A 27 3.98 5.47 -3.77
N SER A 28 4.53 6.42 -3.00
CA SER A 28 4.01 7.78 -3.00
C SER A 28 4.15 8.43 -4.38
N TYR A 29 4.99 7.85 -5.22
CA TYR A 29 5.20 8.34 -6.57
C TYR A 29 3.87 8.59 -7.22
N ALA A 30 2.98 7.64 -6.99
CA ALA A 30 1.61 7.71 -7.53
C ALA A 30 0.58 7.36 -6.48
N ASN A 31 0.93 7.57 -5.21
CA ASN A 31 0.03 7.29 -4.09
C ASN A 31 -0.63 5.92 -4.26
N LYS A 32 0.14 4.85 -4.02
CA LYS A 32 -0.36 3.49 -4.15
C LYS A 32 0.64 2.50 -3.58
N CYS A 33 0.20 1.27 -3.34
CA CYS A 33 1.07 0.23 -2.82
C CYS A 33 2.10 -0.18 -3.86
N LEU A 34 3.38 -0.15 -3.48
CA LEU A 34 4.46 -0.52 -4.36
C LEU A 34 4.82 -2.00 -4.19
N ALA A 1 -13.11 0.13 4.89
CA ALA A 1 -11.71 0.18 5.41
C ALA A 1 -10.99 -1.13 5.15
N GLU A 2 -9.94 -1.07 4.33
CA GLU A 2 -9.16 -2.27 4.00
C GLU A 2 -8.36 -2.75 5.20
N LYS A 3 -7.97 -4.02 5.17
CA LYS A 3 -7.20 -4.61 6.26
C LYS A 3 -5.89 -3.86 6.46
N ASP A 4 -5.06 -4.37 7.38
CA ASP A 4 -3.76 -3.75 7.66
C ASP A 4 -2.91 -3.64 6.40
N CYS A 5 -3.13 -4.56 5.47
CA CYS A 5 -2.39 -4.57 4.22
C CYS A 5 -3.31 -4.32 3.03
N ILE A 6 -2.74 -3.86 1.92
CA ILE A 6 -3.52 -3.59 0.72
C ILE A 6 -2.90 -4.26 -0.50
N ALA A 7 -3.73 -4.48 -1.52
CA ALA A 7 -3.27 -5.11 -2.75
C ALA A 7 -2.36 -4.19 -3.55
N PRO A 8 -1.26 -4.72 -4.11
CA PRO A 8 -0.31 -3.92 -4.90
C PRO A 8 -0.98 -3.26 -6.09
N GLY A 9 -0.77 -1.96 -6.24
CA GLY A 9 -1.35 -1.22 -7.33
C GLY A 9 -2.45 -0.28 -6.87
N ALA A 10 -3.07 -0.60 -5.75
CA ALA A 10 -4.15 0.23 -5.20
C ALA A 10 -3.59 1.43 -4.45
N PRO A 11 -4.41 2.47 -4.22
CA PRO A 11 -3.99 3.66 -3.51
C PRO A 11 -3.72 3.37 -2.04
N CYS A 12 -2.49 2.97 -1.74
CA CYS A 12 -2.12 2.64 -0.37
C CYS A 12 -2.04 3.91 0.47
N PHE A 13 -1.72 5.01 -0.17
CA PHE A 13 -1.62 6.30 0.52
C PHE A 13 -2.92 6.61 1.27
N GLY A 14 -2.84 6.66 2.59
CA GLY A 14 -4.02 6.96 3.39
C GLY A 14 -4.00 6.28 4.75
N THR A 15 -3.18 5.25 4.89
CA THR A 15 -3.08 4.52 6.15
C THR A 15 -1.62 4.17 6.49
N ASP A 16 -0.68 4.81 5.78
CA ASP A 16 0.74 4.57 6.00
C ASP A 16 1.05 3.07 6.13
N LYS A 17 0.20 2.23 5.54
CA LYS A 17 0.40 0.78 5.60
C LYS A 17 0.92 0.26 4.27
N PRO A 18 2.01 -0.53 4.29
CA PRO A 18 2.59 -1.09 3.07
C PRO A 18 1.75 -2.22 2.49
N CYS A 19 2.28 -2.84 1.44
CA CYS A 19 1.59 -3.94 0.77
C CYS A 19 1.60 -5.19 1.65
N CYS A 20 0.68 -6.11 1.39
CA CYS A 20 0.61 -7.34 2.16
C CYS A 20 1.87 -8.18 1.90
N ASN A 21 2.42 -8.05 0.71
CA ASN A 21 3.63 -8.77 0.33
C ASN A 21 4.84 -8.25 1.09
N PRO A 22 5.70 -9.16 1.61
CA PRO A 22 6.89 -8.77 2.36
C PRO A 22 7.98 -8.15 1.47
N ARG A 23 7.66 -7.95 0.20
CA ARG A 23 8.60 -7.37 -0.74
C ARG A 23 8.03 -6.11 -1.40
N ALA A 24 6.77 -5.81 -1.12
CA ALA A 24 6.12 -4.63 -1.69
C ALA A 24 5.73 -3.63 -0.61
N TRP A 25 6.12 -2.38 -0.80
CA TRP A 25 5.81 -1.32 0.17
C TRP A 25 4.95 -0.22 -0.44
N CYS A 26 4.59 0.75 0.39
CA CYS A 26 3.76 1.87 -0.02
C CYS A 26 4.52 2.84 -0.95
N SER A 27 3.76 3.59 -1.75
CA SER A 27 4.34 4.56 -2.67
C SER A 27 3.49 5.83 -2.69
N SER A 28 3.63 6.64 -1.64
CA SER A 28 2.88 7.88 -1.53
C SER A 28 3.32 8.87 -2.59
N TYR A 29 4.49 8.63 -3.16
CA TYR A 29 5.03 9.46 -4.22
C TYR A 29 3.96 9.71 -5.26
N ALA A 30 3.25 8.64 -5.55
CA ALA A 30 2.17 8.68 -6.54
C ALA A 30 0.95 7.93 -6.04
N ASN A 31 0.79 7.88 -4.72
CA ASN A 31 -0.34 7.19 -4.10
C ASN A 31 -0.55 5.81 -4.73
N LYS A 32 0.14 4.81 -4.20
CA LYS A 32 0.03 3.45 -4.71
C LYS A 32 1.10 2.55 -4.12
N CYS A 33 0.84 1.24 -4.09
CA CYS A 33 1.80 0.28 -3.57
C CYS A 33 3.00 0.15 -4.50
N LEU A 34 3.94 -0.66 -4.07
CA LEU A 34 5.15 -0.91 -4.84
C LEU A 34 5.41 -2.41 -4.95
N ALA A 1 -14.04 -3.03 3.82
CA ALA A 1 -12.95 -2.81 4.81
C ALA A 1 -11.91 -3.93 4.73
N GLU A 2 -11.00 -3.82 3.78
CA GLU A 2 -9.95 -4.83 3.60
C GLU A 2 -9.09 -4.94 4.85
N LYS A 3 -8.09 -5.81 4.80
CA LYS A 3 -7.19 -6.01 5.92
C LYS A 3 -6.41 -4.73 6.23
N ASP A 4 -5.38 -4.86 7.06
CA ASP A 4 -4.55 -3.71 7.43
C ASP A 4 -3.72 -3.24 6.24
N CYS A 5 -3.35 -4.18 5.38
CA CYS A 5 -2.54 -3.86 4.20
C CYS A 5 -3.44 -3.47 3.04
N ILE A 6 -2.85 -2.83 2.03
CA ILE A 6 -3.59 -2.40 0.86
C ILE A 6 -3.37 -3.37 -0.31
N ALA A 7 -4.39 -3.48 -1.18
CA ALA A 7 -4.30 -4.36 -2.33
C ALA A 7 -3.24 -3.88 -3.31
N PRO A 8 -2.81 -4.75 -4.25
CA PRO A 8 -1.79 -4.40 -5.24
C PRO A 8 -2.24 -3.25 -6.13
N GLY A 9 -1.36 -2.26 -6.28
CA GLY A 9 -1.67 -1.10 -7.09
C GLY A 9 -2.78 -0.26 -6.50
N ALA A 10 -3.04 -0.43 -5.21
CA ALA A 10 -4.09 0.34 -4.53
C ALA A 10 -3.50 1.55 -3.82
N PRO A 11 -4.25 2.67 -3.79
CA PRO A 11 -3.81 3.91 -3.14
C PRO A 11 -3.35 3.69 -1.71
N CYS A 12 -2.08 3.36 -1.53
CA CYS A 12 -1.53 3.13 -0.21
C CYS A 12 -1.25 4.46 0.51
N PHE A 13 -1.12 5.53 -0.28
CA PHE A 13 -0.86 6.87 0.25
C PHE A 13 -1.29 7.02 1.71
N GLY A 14 -0.30 7.18 2.60
CA GLY A 14 -0.59 7.32 4.01
C GLY A 14 0.49 6.71 4.87
N THR A 15 1.00 5.57 4.42
CA THR A 15 2.06 4.84 5.13
C THR A 15 1.49 4.00 6.28
N ASP A 16 0.26 4.28 6.68
CA ASP A 16 -0.37 3.53 7.76
C ASP A 16 -0.94 2.20 7.29
N LYS A 17 -0.56 1.79 6.08
CA LYS A 17 -1.04 0.54 5.52
C LYS A 17 -0.28 0.18 4.24
N PRO A 18 0.97 -0.32 4.37
CA PRO A 18 1.79 -0.69 3.22
C PRO A 18 1.17 -1.82 2.41
N CYS A 19 1.91 -2.32 1.43
CA CYS A 19 1.43 -3.40 0.58
C CYS A 19 1.36 -4.71 1.36
N CYS A 20 0.34 -5.52 1.06
CA CYS A 20 0.17 -6.80 1.74
C CYS A 20 1.43 -7.64 1.63
N ASN A 21 2.13 -7.51 0.50
CA ASN A 21 3.36 -8.25 0.27
C ASN A 21 4.48 -7.73 1.17
N PRO A 22 5.29 -8.64 1.75
CA PRO A 22 6.39 -8.26 2.64
C PRO A 22 7.56 -7.60 1.90
N ARG A 23 7.39 -7.40 0.59
CA ARG A 23 8.41 -6.79 -0.23
C ARG A 23 7.91 -5.51 -0.89
N ALA A 24 6.61 -5.22 -0.74
CA ALA A 24 6.02 -4.03 -1.33
C ALA A 24 5.61 -3.03 -0.26
N TRP A 25 6.16 -1.82 -0.33
CA TRP A 25 5.84 -0.78 0.64
C TRP A 25 5.09 0.37 -0.02
N CYS A 26 4.52 1.24 0.81
CA CYS A 26 3.76 2.39 0.33
C CYS A 26 4.54 3.20 -0.70
N SER A 27 3.82 3.73 -1.70
CA SER A 27 4.44 4.54 -2.75
C SER A 27 3.60 5.78 -3.01
N SER A 28 3.71 6.76 -2.11
CA SER A 28 2.96 8.00 -2.25
C SER A 28 3.44 8.79 -3.46
N TYR A 29 4.61 8.43 -3.97
CA TYR A 29 5.16 9.07 -5.14
C TYR A 29 4.12 9.11 -6.24
N ALA A 30 3.43 7.99 -6.34
CA ALA A 30 2.38 7.84 -7.33
C ALA A 30 1.10 7.29 -6.70
N ASN A 31 0.94 7.52 -5.40
CA ASN A 31 -0.23 7.06 -4.67
C ASN A 31 -0.56 5.60 -5.02
N LYS A 32 0.14 4.66 -4.38
CA LYS A 32 -0.08 3.24 -4.64
C LYS A 32 1.02 2.39 -4.02
N CYS A 33 0.75 1.09 -3.88
CA CYS A 33 1.73 0.18 -3.31
C CYS A 33 2.89 -0.02 -4.28
N LEU A 34 4.11 0.00 -3.75
CA LEU A 34 5.30 -0.18 -4.57
C LEU A 34 5.76 -1.63 -4.53
N ALA A 1 -14.05 -3.63 4.30
CA ALA A 1 -12.77 -3.05 3.82
C ALA A 1 -11.64 -4.06 3.93
N GLU A 2 -10.64 -3.92 3.05
CA GLU A 2 -9.49 -4.82 3.05
C GLU A 2 -8.76 -4.77 4.39
N LYS A 3 -7.80 -5.66 4.57
CA LYS A 3 -7.02 -5.73 5.80
C LYS A 3 -6.27 -4.42 6.03
N ASP A 4 -5.37 -4.41 7.01
CA ASP A 4 -4.59 -3.23 7.33
C ASP A 4 -3.75 -2.79 6.13
N CYS A 5 -3.34 -3.76 5.32
CA CYS A 5 -2.53 -3.47 4.13
C CYS A 5 -3.39 -3.49 2.87
N ILE A 6 -2.76 -3.16 1.74
CA ILE A 6 -3.46 -3.15 0.46
C ILE A 6 -2.54 -3.58 -0.68
N ALA A 7 -3.09 -4.38 -1.59
CA ALA A 7 -2.33 -4.86 -2.75
C ALA A 7 -2.05 -3.73 -3.74
N PRO A 8 -1.14 -3.98 -4.71
CA PRO A 8 -0.80 -2.98 -5.73
C PRO A 8 -2.03 -2.44 -6.43
N GLY A 9 -2.12 -1.11 -6.53
CA GLY A 9 -3.26 -0.49 -7.17
C GLY A 9 -4.11 0.28 -6.18
N ALA A 10 -3.97 -0.05 -4.89
CA ALA A 10 -4.73 0.63 -3.85
C ALA A 10 -3.89 1.75 -3.21
N PRO A 11 -4.52 2.89 -2.91
CA PRO A 11 -3.83 4.03 -2.30
C PRO A 11 -3.33 3.71 -0.90
N CYS A 12 -2.12 3.20 -0.81
CA CYS A 12 -1.52 2.84 0.47
C CYS A 12 -1.22 4.09 1.26
N PHE A 13 -0.84 5.15 0.55
CA PHE A 13 -0.53 6.43 1.19
C PHE A 13 -1.74 6.97 1.94
N GLY A 14 -1.50 7.54 3.11
CA GLY A 14 -2.59 8.09 3.91
C GLY A 14 -2.77 7.38 5.23
N THR A 15 -2.24 6.17 5.34
CA THR A 15 -2.35 5.39 6.56
C THR A 15 -1.03 4.72 6.92
N ASP A 16 0.08 5.25 6.39
CA ASP A 16 1.40 4.71 6.65
C ASP A 16 1.42 3.19 6.57
N LYS A 17 0.49 2.61 5.81
CA LYS A 17 0.40 1.17 5.66
C LYS A 17 0.90 0.73 4.28
N PRO A 18 2.08 0.10 4.22
CA PRO A 18 2.64 -0.37 2.94
C PRO A 18 1.83 -1.49 2.31
N CYS A 19 2.39 -2.13 1.30
CA CYS A 19 1.71 -3.21 0.61
C CYS A 19 1.61 -4.45 1.52
N CYS A 20 0.49 -5.15 1.41
CA CYS A 20 0.27 -6.34 2.21
C CYS A 20 1.33 -7.39 1.94
N ASN A 21 1.94 -7.34 0.75
CA ASN A 21 2.99 -8.27 0.38
C ASN A 21 4.25 -8.01 1.19
N PRO A 22 4.95 -9.06 1.65
CA PRO A 22 6.17 -8.92 2.44
C PRO A 22 7.36 -8.41 1.61
N ARG A 23 7.10 -8.04 0.36
CA ARG A 23 8.15 -7.55 -0.52
C ARG A 23 7.73 -6.25 -1.22
N ALA A 24 6.53 -5.76 -0.91
CA ALA A 24 6.05 -4.53 -1.52
C ALA A 24 5.83 -3.42 -0.48
N TRP A 25 6.52 -2.31 -0.65
CA TRP A 25 6.41 -1.18 0.27
C TRP A 25 5.43 -0.14 -0.28
N CYS A 26 5.21 0.92 0.48
CA CYS A 26 4.30 1.97 0.06
C CYS A 26 4.89 2.77 -1.11
N SER A 27 4.04 3.19 -2.03
CA SER A 27 4.48 3.96 -3.19
C SER A 27 3.80 5.31 -3.26
N SER A 28 4.26 6.24 -2.45
CA SER A 28 3.69 7.59 -2.42
C SER A 28 4.00 8.33 -3.72
N TYR A 29 4.98 7.82 -4.46
CA TYR A 29 5.36 8.39 -5.72
C TYR A 29 4.13 8.59 -6.57
N ALA A 30 3.27 7.58 -6.51
CA ALA A 30 2.02 7.57 -7.26
C ALA A 30 0.87 7.14 -6.37
N ASN A 31 1.02 7.37 -5.06
CA ASN A 31 -0.01 6.99 -4.08
C ASN A 31 -0.54 5.60 -4.37
N LYS A 32 0.10 4.58 -3.80
CA LYS A 32 -0.33 3.19 -3.98
C LYS A 32 0.77 2.24 -3.54
N CYS A 33 0.44 0.96 -3.55
CA CYS A 33 1.39 -0.08 -3.17
C CYS A 33 2.50 -0.20 -4.21
N LEU A 34 3.72 -0.38 -3.73
CA LEU A 34 4.88 -0.51 -4.57
C LEU A 34 5.37 -1.96 -4.62
N ALA A 1 -13.85 -2.54 3.69
CA ALA A 1 -12.57 -2.27 4.38
C ALA A 1 -11.77 -3.55 4.58
N GLU A 2 -10.85 -3.82 3.66
CA GLU A 2 -10.01 -5.01 3.73
C GLU A 2 -9.16 -5.01 4.99
N LYS A 3 -8.28 -5.99 5.10
CA LYS A 3 -7.39 -6.09 6.25
C LYS A 3 -6.50 -4.86 6.38
N ASP A 4 -5.58 -4.90 7.34
CA ASP A 4 -4.67 -3.79 7.55
C ASP A 4 -3.82 -3.52 6.31
N CYS A 5 -3.53 -4.57 5.55
CA CYS A 5 -2.74 -4.44 4.34
C CYS A 5 -3.60 -3.99 3.17
N ILE A 6 -2.98 -3.84 2.00
CA ILE A 6 -3.70 -3.41 0.80
C ILE A 6 -3.15 -4.09 -0.44
N ALA A 7 -4.03 -4.35 -1.40
CA ALA A 7 -3.64 -5.00 -2.65
C ALA A 7 -2.78 -4.07 -3.51
N PRO A 8 -1.74 -4.61 -4.16
CA PRO A 8 -0.86 -3.83 -5.02
C PRO A 8 -1.62 -3.06 -6.10
N GLY A 9 -1.27 -1.79 -6.27
CA GLY A 9 -1.94 -0.97 -7.27
C GLY A 9 -2.95 -0.02 -6.66
N ALA A 10 -3.49 -0.40 -5.51
CA ALA A 10 -4.48 0.43 -4.82
C ALA A 10 -3.84 1.71 -4.26
N PRO A 11 -4.63 2.78 -4.10
CA PRO A 11 -4.14 4.05 -3.57
C PRO A 11 -3.79 3.94 -2.09
N CYS A 12 -2.55 3.51 -1.81
CA CYS A 12 -2.09 3.34 -0.44
C CYS A 12 -1.54 4.66 0.12
N PHE A 13 -1.48 5.69 -0.72
CA PHE A 13 -0.98 7.00 -0.32
C PHE A 13 -1.22 7.30 1.16
N GLY A 14 -0.18 7.15 1.97
CA GLY A 14 -0.29 7.39 3.39
C GLY A 14 0.90 6.85 4.15
N THR A 15 1.33 5.65 3.77
CA THR A 15 2.47 4.98 4.38
C THR A 15 2.09 4.31 5.71
N ASP A 16 0.92 4.66 6.25
CA ASP A 16 0.48 4.08 7.51
C ASP A 16 -0.12 2.69 7.31
N LYS A 17 0.08 2.12 6.14
CA LYS A 17 -0.43 0.79 5.83
C LYS A 17 0.14 0.28 4.51
N PRO A 18 1.28 -0.42 4.54
CA PRO A 18 1.92 -0.95 3.34
C PRO A 18 1.12 -2.10 2.72
N CYS A 19 1.66 -2.67 1.67
CA CYS A 19 1.01 -3.79 0.99
C CYS A 19 1.05 -5.05 1.84
N CYS A 20 0.22 -6.03 1.48
CA CYS A 20 0.18 -7.29 2.20
C CYS A 20 1.45 -8.10 1.96
N ASN A 21 2.13 -7.80 0.85
CA ASN A 21 3.37 -8.48 0.51
C ASN A 21 4.50 -8.08 1.46
N PRO A 22 5.33 -9.05 1.90
CA PRO A 22 6.44 -8.78 2.82
C PRO A 22 7.56 -7.97 2.19
N ARG A 23 7.37 -7.54 0.95
CA ARG A 23 8.38 -6.75 0.25
C ARG A 23 7.74 -5.63 -0.56
N ALA A 24 6.45 -5.36 -0.31
CA ALA A 24 5.75 -4.30 -1.03
C ALA A 24 5.59 -3.06 -0.15
N TRP A 25 6.25 -1.97 -0.54
CA TRP A 25 6.18 -0.73 0.23
C TRP A 25 5.23 0.27 -0.42
N CYS A 26 4.73 1.21 0.38
CA CYS A 26 3.81 2.22 -0.08
C CYS A 26 4.50 3.23 -1.01
N SER A 27 3.72 3.84 -1.90
CA SER A 27 4.25 4.83 -2.83
C SER A 27 3.35 6.06 -2.87
N SER A 28 3.44 6.88 -1.82
CA SER A 28 2.65 8.09 -1.74
C SER A 28 3.08 9.10 -2.78
N TYR A 29 4.31 8.93 -3.28
CA TYR A 29 4.84 9.79 -4.30
C TYR A 29 3.87 9.87 -5.46
N ALA A 30 3.28 8.72 -5.75
CA ALA A 30 2.32 8.59 -6.83
C ALA A 30 1.06 7.89 -6.35
N ASN A 31 0.82 7.92 -5.03
CA ASN A 31 -0.35 7.29 -4.44
C ASN A 31 -0.59 5.90 -5.02
N LYS A 32 0.08 4.90 -4.45
CA LYS A 32 -0.05 3.51 -4.90
C LYS A 32 0.99 2.61 -4.27
N CYS A 33 0.64 1.34 -4.07
CA CYS A 33 1.54 0.36 -3.49
C CYS A 33 2.68 0.02 -4.46
N LEU A 34 3.78 -0.49 -3.93
CA LEU A 34 4.92 -0.88 -4.75
C LEU A 34 5.17 -2.37 -4.65
N ALA A 1 -14.76 -3.39 2.58
CA ALA A 1 -13.37 -2.97 2.88
C ALA A 1 -12.40 -4.13 2.70
N GLU A 2 -11.28 -3.87 2.02
CA GLU A 2 -10.28 -4.89 1.78
C GLU A 2 -9.60 -5.31 3.09
N LYS A 3 -8.60 -6.15 2.98
CA LYS A 3 -7.86 -6.64 4.15
C LYS A 3 -7.22 -5.47 4.91
N ASP A 4 -6.49 -5.79 5.96
CA ASP A 4 -5.82 -4.77 6.76
C ASP A 4 -4.67 -4.14 5.99
N CYS A 5 -3.87 -4.99 5.36
CA CYS A 5 -2.72 -4.52 4.58
C CYS A 5 -3.18 -3.80 3.31
N ILE A 6 -2.27 -3.07 2.68
CA ILE A 6 -2.59 -2.33 1.47
C ILE A 6 -2.20 -3.10 0.22
N ALA A 7 -3.19 -3.61 -0.50
CA ALA A 7 -2.95 -4.36 -1.73
C ALA A 7 -2.48 -3.43 -2.84
N PRO A 8 -1.72 -3.96 -3.81
CA PRO A 8 -1.22 -3.15 -4.94
C PRO A 8 -2.36 -2.53 -5.74
N GLY A 9 -2.24 -1.25 -6.04
CA GLY A 9 -3.29 -0.57 -6.79
C GLY A 9 -4.20 0.24 -5.89
N ALA A 10 -4.15 -0.03 -4.58
CA ALA A 10 -4.97 0.70 -3.62
C ALA A 10 -4.25 1.95 -3.15
N PRO A 11 -4.97 3.08 -3.06
CA PRO A 11 -4.39 4.36 -2.62
C PRO A 11 -3.85 4.29 -1.19
N CYS A 12 -2.60 3.87 -1.05
CA CYS A 12 -1.97 3.75 0.25
C CYS A 12 -1.37 5.10 0.69
N PHE A 13 -1.11 5.98 -0.29
CA PHE A 13 -0.54 7.31 -0.02
C PHE A 13 -0.68 7.72 1.44
N GLY A 14 0.33 7.41 2.24
CA GLY A 14 0.30 7.74 3.64
C GLY A 14 1.41 7.04 4.41
N THR A 15 1.72 5.83 3.96
CA THR A 15 2.77 5.02 4.57
C THR A 15 2.41 4.60 6.00
N ASP A 16 1.15 4.79 6.39
CA ASP A 16 0.71 4.41 7.73
C ASP A 16 0.69 2.90 7.90
N LYS A 17 1.03 2.19 6.83
CA LYS A 17 1.06 0.74 6.84
C LYS A 17 1.71 0.23 5.54
N PRO A 18 2.55 -0.81 5.62
CA PRO A 18 3.22 -1.35 4.44
C PRO A 18 2.28 -2.19 3.59
N CYS A 19 2.80 -2.69 2.48
CA CYS A 19 2.02 -3.51 1.57
C CYS A 19 1.75 -4.89 2.15
N CYS A 20 0.77 -5.58 1.58
CA CYS A 20 0.42 -6.92 2.04
C CYS A 20 1.65 -7.82 2.01
N ASN A 21 2.38 -7.77 0.89
CA ASN A 21 3.59 -8.55 0.73
C ASN A 21 4.70 -8.02 1.62
N PRO A 22 5.51 -8.92 2.22
CA PRO A 22 6.61 -8.51 3.11
C PRO A 22 7.77 -7.86 2.36
N ARG A 23 7.60 -7.66 1.06
CA ARG A 23 8.62 -7.04 0.23
C ARG A 23 8.08 -5.84 -0.53
N ALA A 24 6.78 -5.56 -0.38
CA ALA A 24 6.15 -4.43 -1.07
C ALA A 24 5.96 -3.25 -0.13
N TRP A 25 6.03 -2.04 -0.67
CA TRP A 25 5.87 -0.83 0.13
C TRP A 25 4.93 0.17 -0.54
N CYS A 26 4.71 1.29 0.15
CA CYS A 26 3.83 2.35 -0.35
C CYS A 26 4.45 3.08 -1.54
N SER A 27 3.59 3.77 -2.30
CA SER A 27 4.03 4.53 -3.47
C SER A 27 3.28 5.86 -3.53
N SER A 28 3.63 6.77 -2.64
CA SER A 28 2.99 8.08 -2.62
C SER A 28 3.22 8.83 -3.92
N TYR A 29 4.30 8.47 -4.61
CA TYR A 29 4.62 9.06 -5.88
C TYR A 29 3.45 8.89 -6.83
N ALA A 30 2.83 7.73 -6.71
CA ALA A 30 1.68 7.38 -7.54
C ALA A 30 0.43 7.13 -6.70
N ASN A 31 0.48 7.48 -5.42
CA ASN A 31 -0.66 7.30 -4.53
C ASN A 31 -1.22 5.87 -4.61
N LYS A 32 -0.39 4.90 -4.22
CA LYS A 32 -0.78 3.49 -4.24
C LYS A 32 0.37 2.62 -3.74
N CYS A 33 0.09 1.35 -3.49
CA CYS A 33 1.10 0.42 -3.03
C CYS A 33 2.10 0.07 -4.12
N LEU A 34 3.05 -0.75 -3.75
CA LEU A 34 4.10 -1.21 -4.66
C LEU A 34 4.29 -2.72 -4.54
N ALA A 1 -12.51 -0.10 5.25
CA ALA A 1 -11.10 -0.25 4.81
C ALA A 1 -10.67 -1.72 4.84
N GLU A 2 -9.88 -2.11 3.84
CA GLU A 2 -9.40 -3.49 3.74
C GLU A 2 -8.62 -3.89 4.99
N LYS A 3 -8.09 -5.10 4.99
CA LYS A 3 -7.32 -5.60 6.11
C LYS A 3 -6.15 -4.68 6.45
N ASP A 4 -5.31 -5.10 7.39
CA ASP A 4 -4.16 -4.32 7.80
C ASP A 4 -3.23 -4.04 6.62
N CYS A 5 -3.33 -4.86 5.58
CA CYS A 5 -2.51 -4.70 4.39
C CYS A 5 -3.34 -4.18 3.22
N ILE A 6 -2.68 -3.93 2.08
CA ILE A 6 -3.36 -3.44 0.90
C ILE A 6 -2.85 -4.13 -0.36
N ALA A 7 -3.73 -4.23 -1.36
CA ALA A 7 -3.37 -4.87 -2.62
C ALA A 7 -2.40 -4.01 -3.43
N PRO A 8 -1.38 -4.64 -4.05
CA PRO A 8 -0.39 -3.92 -4.85
C PRO A 8 -1.02 -3.17 -6.02
N GLY A 9 -0.69 -1.90 -6.15
CA GLY A 9 -1.23 -1.09 -7.23
C GLY A 9 -2.30 -0.13 -6.75
N ALA A 10 -2.90 -0.42 -5.60
CA ALA A 10 -3.95 0.44 -5.06
C ALA A 10 -3.36 1.60 -4.27
N PRO A 11 -4.05 2.76 -4.27
CA PRO A 11 -3.58 3.94 -3.54
C PRO A 11 -3.44 3.65 -2.05
N CYS A 12 -2.25 3.20 -1.65
CA CYS A 12 -1.98 2.88 -0.26
C CYS A 12 -1.93 4.15 0.58
N PHE A 13 -1.53 5.25 -0.05
CA PHE A 13 -1.44 6.54 0.63
C PHE A 13 -2.70 6.83 1.43
N GLY A 14 -2.51 7.28 2.67
CA GLY A 14 -3.65 7.59 3.52
C GLY A 14 -3.65 6.83 4.83
N THR A 15 -2.92 5.71 4.85
CA THR A 15 -2.84 4.88 6.04
C THR A 15 -1.40 4.49 6.37
N ASP A 16 -0.44 5.05 5.64
CA ASP A 16 0.97 4.76 5.85
C ASP A 16 1.24 3.27 6.05
N LYS A 17 0.35 2.43 5.53
CA LYS A 17 0.50 0.99 5.65
C LYS A 17 0.93 0.37 4.32
N PRO A 18 1.93 -0.53 4.33
CA PRO A 18 2.43 -1.17 3.12
C PRO A 18 1.53 -2.31 2.64
N CYS A 19 1.96 -2.97 1.57
CA CYS A 19 1.21 -4.09 1.00
C CYS A 19 1.25 -5.31 1.91
N CYS A 20 0.40 -6.29 1.61
CA CYS A 20 0.37 -7.52 2.38
C CYS A 20 1.64 -8.31 2.15
N ASN A 21 2.17 -8.24 0.94
CA ASN A 21 3.40 -8.94 0.58
C ASN A 21 4.60 -8.32 1.27
N PRO A 22 5.52 -9.14 1.79
CA PRO A 22 6.73 -8.64 2.47
C PRO A 22 7.73 -8.01 1.51
N ARG A 23 7.37 -7.91 0.24
CA ARG A 23 8.23 -7.32 -0.77
C ARG A 23 7.59 -6.09 -1.41
N ALA A 24 6.31 -5.85 -1.10
CA ALA A 24 5.61 -4.69 -1.64
C ALA A 24 5.45 -3.60 -0.59
N TRP A 25 5.89 -2.39 -0.93
CA TRP A 25 5.80 -1.26 -0.01
C TRP A 25 4.97 -0.12 -0.59
N CYS A 26 4.69 0.87 0.25
CA CYS A 26 3.90 2.03 -0.14
C CYS A 26 4.65 2.93 -1.12
N SER A 27 3.90 3.72 -1.88
CA SER A 27 4.49 4.65 -2.84
C SER A 27 3.70 5.97 -2.86
N SER A 28 4.00 6.83 -1.90
CA SER A 28 3.35 8.12 -1.78
C SER A 28 3.65 8.99 -2.97
N TYR A 29 4.76 8.71 -3.62
CA TYR A 29 5.19 9.43 -4.80
C TYR A 29 4.01 9.65 -5.73
N ALA A 30 3.22 8.61 -5.84
CA ALA A 30 2.04 8.63 -6.70
C ALA A 30 0.85 7.94 -6.03
N ASN A 31 0.84 7.95 -4.70
CA ASN A 31 -0.23 7.33 -3.92
C ASN A 31 -0.59 5.95 -4.49
N LYS A 32 0.16 4.94 -4.07
CA LYS A 32 -0.06 3.57 -4.52
C LYS A 32 1.06 2.67 -4.04
N CYS A 33 0.76 1.37 -3.94
CA CYS A 33 1.75 0.41 -3.50
C CYS A 33 2.83 0.20 -4.54
N LEU A 34 3.79 -0.63 -4.18
CA LEU A 34 4.91 -0.96 -5.06
C LEU A 34 5.09 -2.47 -5.18
N ALA A 1 -12.78 -8.38 -1.22
CA ALA A 1 -12.76 -7.65 0.07
C ALA A 1 -11.36 -7.17 0.40
N GLU A 2 -11.25 -5.95 0.91
CA GLU A 2 -9.97 -5.37 1.28
C GLU A 2 -9.38 -6.08 2.50
N LYS A 3 -8.15 -6.57 2.36
CA LYS A 3 -7.47 -7.27 3.44
C LYS A 3 -7.23 -6.33 4.62
N ASP A 4 -6.56 -6.84 5.64
CA ASP A 4 -6.25 -6.04 6.83
C ASP A 4 -5.39 -4.84 6.46
N CYS A 5 -4.16 -5.09 6.03
CA CYS A 5 -3.24 -4.04 5.65
C CYS A 5 -3.69 -3.37 4.36
N ILE A 6 -2.80 -2.59 3.75
CA ILE A 6 -3.11 -1.90 2.51
C ILE A 6 -2.99 -2.82 1.30
N ALA A 7 -4.10 -3.00 0.59
CA ALA A 7 -4.11 -3.86 -0.59
C ALA A 7 -3.33 -3.22 -1.74
N PRO A 8 -2.70 -4.05 -2.59
CA PRO A 8 -1.91 -3.56 -3.72
C PRO A 8 -2.77 -2.75 -4.70
N GLY A 9 -2.27 -1.56 -5.06
CA GLY A 9 -3.00 -0.71 -5.97
C GLY A 9 -3.81 0.36 -5.26
N ALA A 10 -4.15 0.11 -4.01
CA ALA A 10 -4.94 1.07 -3.23
C ALA A 10 -4.13 2.31 -2.90
N PRO A 11 -4.81 3.46 -2.68
CA PRO A 11 -4.14 4.71 -2.34
C PRO A 11 -3.53 4.67 -0.95
N CYS A 12 -2.30 4.16 -0.85
CA CYS A 12 -1.62 4.05 0.42
C CYS A 12 -0.79 5.30 0.72
N PHE A 13 -0.81 6.26 -0.20
CA PHE A 13 -0.06 7.51 -0.04
C PHE A 13 0.17 7.87 1.43
N GLY A 14 1.41 8.24 1.74
CA GLY A 14 1.75 8.60 3.10
C GLY A 14 2.92 7.80 3.63
N THR A 15 2.98 6.54 3.21
CA THR A 15 4.05 5.63 3.61
C THR A 15 3.90 5.17 5.06
N ASP A 16 2.88 5.67 5.76
CA ASP A 16 2.65 5.29 7.15
C ASP A 16 1.95 3.94 7.26
N LYS A 17 1.90 3.21 6.14
CA LYS A 17 1.25 1.90 6.12
C LYS A 17 1.53 1.19 4.79
N PRO A 18 2.55 0.31 4.75
CA PRO A 18 2.90 -0.42 3.54
C PRO A 18 1.89 -1.52 3.21
N CYS A 19 2.17 -2.27 2.15
CA CYS A 19 1.29 -3.36 1.73
C CYS A 19 1.36 -4.51 2.72
N CYS A 20 0.28 -5.29 2.81
CA CYS A 20 0.24 -6.43 3.71
C CYS A 20 1.33 -7.43 3.36
N ASN A 21 1.68 -7.49 2.07
CA ASN A 21 2.72 -8.38 1.60
C ASN A 21 4.09 -7.91 2.08
N PRO A 22 4.95 -8.86 2.52
CA PRO A 22 6.30 -8.52 3.00
C PRO A 22 7.25 -8.08 1.88
N ARG A 23 6.71 -7.98 0.67
CA ARG A 23 7.50 -7.57 -0.49
C ARG A 23 6.86 -6.40 -1.22
N ALA A 24 5.71 -5.94 -0.73
CA ALA A 24 5.01 -4.82 -1.35
C ALA A 24 5.16 -3.54 -0.53
N TRP A 25 5.65 -2.48 -1.17
CA TRP A 25 5.85 -1.20 -0.49
C TRP A 25 4.94 -0.12 -1.05
N CYS A 26 4.65 0.89 -0.23
CA CYS A 26 3.79 1.99 -0.63
C CYS A 26 4.47 2.89 -1.66
N SER A 27 3.65 3.61 -2.44
CA SER A 27 4.16 4.52 -3.44
C SER A 27 3.43 5.86 -3.37
N SER A 28 3.83 6.69 -2.41
CA SER A 28 3.21 8.00 -2.23
C SER A 28 3.54 8.91 -3.40
N TYR A 29 4.58 8.54 -4.16
CA TYR A 29 4.99 9.29 -5.32
C TYR A 29 3.78 9.53 -6.21
N ALA A 30 2.98 8.49 -6.31
CA ALA A 30 1.77 8.52 -7.13
C ALA A 30 0.58 7.98 -6.35
N ASN A 31 0.65 8.07 -5.02
CA ASN A 31 -0.42 7.58 -4.16
C ASN A 31 -0.92 6.21 -4.61
N LYS A 32 -0.25 5.15 -4.14
CA LYS A 32 -0.64 3.79 -4.50
C LYS A 32 0.41 2.77 -4.05
N CYS A 33 -0.07 1.65 -3.52
CA CYS A 33 0.83 0.60 -3.05
C CYS A 33 1.52 -0.09 -4.22
N LEU A 34 2.40 -1.00 -3.88
CA LEU A 34 3.17 -1.76 -4.87
C LEU A 34 3.21 -3.23 -4.50
N ALA A 1 -4.96 -7.20 0.50
CA ALA A 1 -6.28 -7.32 1.16
C ALA A 1 -6.78 -5.95 1.64
N GLU A 2 -8.07 -5.71 1.48
CA GLU A 2 -8.66 -4.45 1.89
C GLU A 2 -8.71 -4.32 3.42
N LYS A 3 -8.42 -5.42 4.11
CA LYS A 3 -8.42 -5.44 5.56
C LYS A 3 -7.47 -4.39 6.14
N ASP A 4 -7.03 -4.58 7.38
CA ASP A 4 -6.12 -3.64 8.03
C ASP A 4 -5.02 -3.19 7.08
N CYS A 5 -4.64 -4.07 6.16
CA CYS A 5 -3.61 -3.75 5.19
C CYS A 5 -4.21 -3.09 3.95
N ILE A 6 -3.44 -3.02 2.87
CA ILE A 6 -3.91 -2.41 1.64
C ILE A 6 -3.57 -3.27 0.42
N ALA A 7 -4.57 -3.49 -0.43
CA ALA A 7 -4.39 -4.30 -1.63
C ALA A 7 -3.52 -3.57 -2.66
N PRO A 8 -2.73 -4.32 -3.45
CA PRO A 8 -1.85 -3.74 -4.47
C PRO A 8 -2.63 -2.94 -5.51
N GLY A 9 -2.17 -1.72 -5.77
CA GLY A 9 -2.82 -0.87 -6.74
C GLY A 9 -3.72 0.17 -6.09
N ALA A 10 -4.14 -0.09 -4.86
CA ALA A 10 -5.00 0.83 -4.13
C ALA A 10 -4.23 2.06 -3.67
N PRO A 11 -4.92 3.19 -3.45
CA PRO A 11 -4.30 4.43 -3.01
C PRO A 11 -3.81 4.33 -1.57
N CYS A 12 -2.59 3.82 -1.40
CA CYS A 12 -2.01 3.65 -0.08
C CYS A 12 -1.31 4.93 0.39
N PHE A 13 -1.28 5.94 -0.47
CA PHE A 13 -0.64 7.23 -0.16
C PHE A 13 -0.72 7.56 1.33
N GLY A 14 0.39 7.37 2.03
CA GLY A 14 0.44 7.66 3.45
C GLY A 14 1.66 7.04 4.11
N THR A 15 1.96 5.81 3.70
CA THR A 15 3.11 5.06 4.24
C THR A 15 2.82 4.46 5.62
N ASP A 16 1.72 4.90 6.24
CA ASP A 16 1.36 4.38 7.56
C ASP A 16 0.67 3.02 7.47
N LYS A 17 0.73 2.41 6.28
CA LYS A 17 0.12 1.11 6.07
C LYS A 17 0.51 0.54 4.71
N PRO A 18 1.58 -0.27 4.66
CA PRO A 18 2.05 -0.87 3.40
C PRO A 18 1.12 -1.96 2.90
N CYS A 19 1.51 -2.59 1.80
CA CYS A 19 0.71 -3.66 1.21
C CYS A 19 0.75 -4.92 2.08
N CYS A 20 -0.27 -5.74 1.94
CA CYS A 20 -0.35 -6.98 2.71
C CYS A 20 0.85 -7.88 2.39
N ASN A 21 1.44 -7.67 1.21
CA ASN A 21 2.59 -8.44 0.78
C ASN A 21 3.82 -8.08 1.61
N PRO A 22 4.61 -9.09 2.05
CA PRO A 22 5.81 -8.85 2.86
C PRO A 22 6.95 -8.19 2.08
N ARG A 23 6.70 -7.83 0.83
CA ARG A 23 7.70 -7.19 0.01
C ARG A 23 7.11 -6.03 -0.79
N ALA A 24 5.88 -5.64 -0.47
CA ALA A 24 5.22 -4.53 -1.17
C ALA A 24 5.23 -3.27 -0.30
N TRP A 25 5.91 -2.23 -0.79
CA TRP A 25 5.99 -0.97 -0.05
C TRP A 25 5.05 0.07 -0.65
N CYS A 26 4.70 1.06 0.17
CA CYS A 26 3.81 2.13 -0.23
C CYS A 26 4.47 3.06 -1.25
N SER A 27 3.65 3.69 -2.09
CA SER A 27 4.15 4.63 -3.09
C SER A 27 3.35 5.92 -3.07
N SER A 28 3.60 6.75 -2.07
CA SER A 28 2.90 8.03 -1.94
C SER A 28 3.31 8.97 -3.05
N TYR A 29 4.46 8.71 -3.65
CA TYR A 29 4.96 9.50 -4.75
C TYR A 29 3.88 9.62 -5.81
N ALA A 30 3.20 8.51 -6.01
CA ALA A 30 2.12 8.43 -6.99
C ALA A 30 0.86 7.83 -6.37
N ASN A 31 0.76 7.91 -5.04
CA ASN A 31 -0.39 7.38 -4.33
C ASN A 31 -0.77 5.99 -4.84
N LYS A 32 -0.13 4.96 -4.30
CA LYS A 32 -0.40 3.58 -4.71
C LYS A 32 0.63 2.61 -4.15
N CYS A 33 0.20 1.39 -3.89
CA CYS A 33 1.08 0.36 -3.36
C CYS A 33 2.09 -0.10 -4.43
N LEU A 34 3.21 -0.66 -3.98
CA LEU A 34 4.24 -1.15 -4.89
C LEU A 34 4.40 -2.66 -4.76
N ALA A 1 -15.07 -3.80 4.10
CA ALA A 1 -13.70 -3.27 3.88
C ALA A 1 -12.68 -4.40 3.76
N GLU A 2 -11.78 -4.30 2.79
CA GLU A 2 -10.76 -5.31 2.58
C GLU A 2 -9.88 -5.46 3.82
N LYS A 3 -8.85 -6.29 3.70
CA LYS A 3 -7.92 -6.52 4.81
C LYS A 3 -7.25 -5.22 5.24
N ASP A 4 -6.68 -5.24 6.44
CA ASP A 4 -5.99 -4.05 6.97
C ASP A 4 -4.84 -3.63 6.05
N CYS A 5 -4.24 -4.60 5.40
CA CYS A 5 -3.12 -4.33 4.50
C CYS A 5 -3.61 -3.74 3.19
N ILE A 6 -2.71 -3.07 2.47
CA ILE A 6 -3.06 -2.44 1.20
C ILE A 6 -3.03 -3.46 0.06
N ALA A 7 -4.11 -3.50 -0.72
CA ALA A 7 -4.21 -4.42 -1.84
C ALA A 7 -3.26 -4.02 -2.96
N PRO A 8 -3.09 -4.89 -3.97
CA PRO A 8 -2.20 -4.62 -5.11
C PRO A 8 -2.61 -3.39 -5.89
N GLY A 9 -1.79 -2.35 -5.82
CA GLY A 9 -2.10 -1.12 -6.53
C GLY A 9 -3.10 -0.25 -5.81
N ALA A 10 -3.19 -0.40 -4.50
CA ALA A 10 -4.12 0.38 -3.69
C ALA A 10 -3.43 1.61 -3.09
N PRO A 11 -4.14 2.75 -3.02
CA PRO A 11 -3.58 3.98 -2.46
C PRO A 11 -3.11 3.80 -1.03
N CYS A 12 -1.84 3.42 -0.88
CA CYS A 12 -1.25 3.20 0.44
C CYS A 12 -0.98 4.53 1.12
N PHE A 13 -0.59 5.53 0.33
CA PHE A 13 -0.29 6.87 0.86
C PHE A 13 -1.44 7.37 1.73
N GLY A 14 -1.33 7.15 3.03
CA GLY A 14 -2.35 7.58 3.95
C GLY A 14 -1.98 7.34 5.40
N THR A 15 -1.30 6.23 5.65
CA THR A 15 -0.87 5.87 7.00
C THR A 15 0.44 5.11 6.97
N ASP A 16 1.30 5.45 6.01
CA ASP A 16 2.60 4.80 5.87
C ASP A 16 2.50 3.28 5.85
N LYS A 17 1.30 2.75 5.60
CA LYS A 17 1.11 1.31 5.55
C LYS A 17 1.43 0.77 4.15
N PRO A 18 2.51 -0.02 4.02
CA PRO A 18 2.91 -0.58 2.73
C PRO A 18 1.94 -1.62 2.20
N CYS A 19 2.30 -2.26 1.09
CA CYS A 19 1.46 -3.28 0.48
C CYS A 19 1.43 -4.54 1.34
N CYS A 20 0.40 -5.36 1.14
CA CYS A 20 0.25 -6.61 1.89
C CYS A 20 1.49 -7.47 1.73
N ASN A 21 2.13 -7.40 0.56
CA ASN A 21 3.32 -8.18 0.29
C ASN A 21 4.51 -7.67 1.12
N PRO A 22 5.29 -8.59 1.72
CA PRO A 22 6.45 -8.20 2.53
C PRO A 22 7.61 -7.67 1.70
N ARG A 23 7.41 -7.58 0.40
CA ARG A 23 8.43 -7.06 -0.51
C ARG A 23 7.97 -5.76 -1.18
N ALA A 24 6.69 -5.42 -1.00
CA ALA A 24 6.15 -4.21 -1.59
C ALA A 24 5.99 -3.12 -0.54
N TRP A 25 6.61 -1.96 -0.77
CA TRP A 25 6.52 -0.84 0.16
C TRP A 25 5.60 0.25 -0.38
N CYS A 26 5.40 1.29 0.42
CA CYS A 26 4.53 2.39 0.03
C CYS A 26 5.16 3.23 -1.09
N SER A 27 4.34 3.62 -2.05
CA SER A 27 4.81 4.43 -3.17
C SER A 27 3.99 5.71 -3.30
N SER A 28 4.33 6.71 -2.51
CA SER A 28 3.62 7.99 -2.54
C SER A 28 3.84 8.69 -3.86
N TYR A 29 4.86 8.27 -4.59
CA TYR A 29 5.17 8.82 -5.89
C TYR A 29 3.92 8.84 -6.74
N ALA A 30 3.18 7.75 -6.64
CA ALA A 30 1.94 7.58 -7.38
C ALA A 30 0.80 7.13 -6.46
N ASN A 31 0.94 7.42 -5.17
CA ASN A 31 -0.09 7.05 -4.20
C ASN A 31 -0.52 5.59 -4.39
N LYS A 32 0.30 4.67 -3.89
CA LYS A 32 0.01 3.24 -4.00
C LYS A 32 1.19 2.39 -3.54
N CYS A 33 0.92 1.33 -2.80
CA CYS A 33 1.96 0.45 -2.31
C CYS A 33 2.58 -0.34 -3.45
N LEU A 34 3.84 -0.05 -3.77
CA LEU A 34 4.55 -0.73 -4.83
C LEU A 34 4.99 -2.12 -4.39
N ALA A 1 -14.04 -2.21 3.42
CA ALA A 1 -13.25 -2.67 4.60
C ALA A 1 -12.34 -3.84 4.23
N GLU A 2 -11.21 -3.53 3.60
CA GLU A 2 -10.26 -4.55 3.19
C GLU A 2 -9.56 -5.16 4.40
N LYS A 3 -8.65 -6.09 4.14
CA LYS A 3 -7.91 -6.75 5.22
C LYS A 3 -6.97 -5.77 5.91
N ASP A 4 -6.11 -6.30 6.78
CA ASP A 4 -5.16 -5.47 7.52
C ASP A 4 -4.22 -4.74 6.55
N CYS A 5 -3.70 -5.47 5.57
CA CYS A 5 -2.80 -4.88 4.59
C CYS A 5 -3.58 -4.20 3.46
N ILE A 6 -2.86 -3.71 2.46
CA ILE A 6 -3.49 -3.04 1.32
C ILE A 6 -3.20 -3.77 0.02
N ALA A 7 -4.21 -3.83 -0.84
CA ALA A 7 -4.09 -4.49 -2.14
C ALA A 7 -3.18 -3.72 -3.09
N PRO A 8 -2.37 -4.42 -3.89
CA PRO A 8 -1.46 -3.78 -4.84
C PRO A 8 -2.21 -2.96 -5.89
N GLY A 9 -1.75 -1.73 -6.09
CA GLY A 9 -2.39 -0.85 -7.05
C GLY A 9 -3.35 0.14 -6.41
N ALA A 10 -3.81 -0.18 -5.20
CA ALA A 10 -4.73 0.69 -4.48
C ALA A 10 -4.02 1.95 -3.99
N PRO A 11 -4.76 3.08 -3.90
CA PRO A 11 -4.19 4.35 -3.44
C PRO A 11 -3.84 4.28 -1.95
N CYS A 12 -2.62 3.82 -1.67
CA CYS A 12 -2.16 3.70 -0.29
C CYS A 12 -1.51 4.99 0.20
N PHE A 13 -1.41 5.98 -0.68
CA PHE A 13 -0.80 7.28 -0.35
C PHE A 13 -0.99 7.64 1.12
N GLY A 14 0.03 7.37 1.92
CA GLY A 14 -0.04 7.68 3.34
C GLY A 14 1.11 7.07 4.11
N THR A 15 1.54 5.89 3.67
CA THR A 15 2.65 5.17 4.29
C THR A 15 2.23 4.51 5.61
N ASP A 16 1.01 4.77 6.07
CA ASP A 16 0.52 4.19 7.32
C ASP A 16 0.05 2.75 7.12
N LYS A 17 0.36 2.17 5.96
CA LYS A 17 -0.03 0.80 5.66
C LYS A 17 0.66 0.32 4.38
N PRO A 18 1.76 -0.46 4.51
CA PRO A 18 2.49 -0.96 3.35
C PRO A 18 1.72 -2.03 2.60
N CYS A 19 2.34 -2.58 1.56
CA CYS A 19 1.72 -3.62 0.76
C CYS A 19 1.63 -4.93 1.52
N CYS A 20 0.64 -5.75 1.17
CA CYS A 20 0.45 -7.04 1.83
C CYS A 20 1.74 -7.83 1.88
N ASN A 21 2.51 -7.78 0.79
CA ASN A 21 3.78 -8.49 0.71
C ASN A 21 4.82 -7.84 1.62
N PRO A 22 5.59 -8.65 2.37
CA PRO A 22 6.62 -8.14 3.27
C PRO A 22 7.82 -7.55 2.54
N ARG A 23 7.75 -7.53 1.22
CA ARG A 23 8.83 -6.99 0.40
C ARG A 23 8.37 -5.76 -0.38
N ALA A 24 7.06 -5.50 -0.38
CA ALA A 24 6.50 -4.36 -1.09
C ALA A 24 5.96 -3.32 -0.11
N TRP A 25 6.23 -2.04 -0.39
CA TRP A 25 5.76 -0.97 0.47
C TRP A 25 4.95 0.07 -0.33
N CYS A 26 4.28 0.95 0.40
CA CYS A 26 3.45 1.98 -0.22
C CYS A 26 4.27 2.94 -1.07
N SER A 27 3.60 3.57 -2.03
CA SER A 27 4.25 4.53 -2.92
C SER A 27 3.44 5.82 -3.00
N SER A 28 3.60 6.67 -2.00
CA SER A 28 2.89 7.94 -1.95
C SER A 28 3.38 8.87 -3.06
N TYR A 29 4.55 8.56 -3.60
CA TYR A 29 5.11 9.33 -4.67
C TYR A 29 4.10 9.50 -5.78
N ALA A 30 3.39 8.40 -6.02
CA ALA A 30 2.35 8.38 -7.04
C ALA A 30 1.05 7.79 -6.49
N ASN A 31 0.89 7.89 -5.18
CA ASN A 31 -0.31 7.37 -4.52
C ASN A 31 -0.66 5.97 -5.02
N LYS A 32 -0.04 4.96 -4.42
CA LYS A 32 -0.27 3.57 -4.82
C LYS A 32 0.76 2.64 -4.18
N CYS A 33 0.34 1.43 -3.86
CA CYS A 33 1.25 0.45 -3.28
C CYS A 33 2.33 0.05 -4.27
N LEU A 34 3.54 -0.13 -3.78
CA LEU A 34 4.66 -0.52 -4.60
C LEU A 34 5.01 -1.98 -4.39
N ALA A 1 -7.00 -8.00 0.00
CA ALA A 1 -6.04 -7.60 1.05
C ALA A 1 -6.46 -6.30 1.71
N GLU A 2 -7.77 -6.04 1.74
CA GLU A 2 -8.30 -4.83 2.34
C GLU A 2 -8.16 -4.84 3.86
N LYS A 3 -7.71 -5.97 4.42
CA LYS A 3 -7.53 -6.11 5.84
C LYS A 3 -6.64 -4.99 6.41
N ASP A 4 -6.12 -5.21 7.62
CA ASP A 4 -5.25 -4.24 8.28
C ASP A 4 -4.29 -3.58 7.28
N CYS A 5 -3.87 -4.34 6.27
CA CYS A 5 -2.96 -3.83 5.25
C CYS A 5 -3.72 -3.05 4.19
N ILE A 6 -3.07 -2.80 3.06
CA ILE A 6 -3.70 -2.07 1.97
C ILE A 6 -3.61 -2.88 0.66
N ALA A 7 -4.71 -2.90 -0.08
CA ALA A 7 -4.77 -3.64 -1.34
C ALA A 7 -3.92 -2.97 -2.42
N PRO A 8 -3.22 -3.78 -3.24
CA PRO A 8 -2.37 -3.26 -4.31
C PRO A 8 -3.15 -2.40 -5.30
N GLY A 9 -2.57 -1.28 -5.70
CA GLY A 9 -3.23 -0.39 -6.63
C GLY A 9 -3.96 0.74 -5.93
N ALA A 10 -4.30 0.54 -4.66
CA ALA A 10 -5.00 1.55 -3.88
C ALA A 10 -4.03 2.63 -3.40
N PRO A 11 -4.55 3.82 -3.04
CA PRO A 11 -3.72 4.91 -2.55
C PRO A 11 -3.17 4.63 -1.16
N CYS A 12 -2.03 3.95 -1.11
CA CYS A 12 -1.42 3.60 0.16
C CYS A 12 -0.86 4.85 0.84
N PHE A 13 -0.50 5.83 0.03
CA PHE A 13 0.04 7.09 0.53
C PHE A 13 -0.90 7.72 1.56
N GLY A 14 -0.42 7.84 2.80
CA GLY A 14 -1.24 8.44 3.85
C GLY A 14 -1.85 7.40 4.78
N THR A 15 -1.81 6.14 4.38
CA THR A 15 -2.36 5.06 5.19
C THR A 15 -1.39 4.63 6.29
N ASP A 16 -0.23 5.28 6.36
CA ASP A 16 0.78 4.96 7.36
C ASP A 16 1.01 3.46 7.47
N LYS A 17 0.69 2.72 6.41
CA LYS A 17 0.88 1.28 6.39
C LYS A 17 1.22 0.78 4.99
N PRO A 18 2.13 -0.19 4.88
CA PRO A 18 2.53 -0.75 3.58
C PRO A 18 1.53 -1.75 3.03
N CYS A 19 1.88 -2.37 1.91
CA CYS A 19 1.01 -3.35 1.27
C CYS A 19 0.94 -4.63 2.10
N CYS A 20 -0.18 -5.33 2.01
CA CYS A 20 -0.37 -6.57 2.75
C CYS A 20 0.70 -7.59 2.37
N ASN A 21 1.20 -7.49 1.13
CA ASN A 21 2.23 -8.40 0.65
C ASN A 21 3.55 -8.11 1.34
N PRO A 22 4.27 -9.16 1.78
CA PRO A 22 5.56 -9.00 2.46
C PRO A 22 6.69 -8.53 1.55
N ARG A 23 6.35 -8.21 0.31
CA ARG A 23 7.33 -7.73 -0.66
C ARG A 23 6.83 -6.51 -1.43
N ALA A 24 5.67 -5.98 -1.04
CA ALA A 24 5.11 -4.81 -1.70
C ALA A 24 5.13 -3.59 -0.78
N TRP A 25 5.99 -2.64 -1.11
CA TRP A 25 6.12 -1.42 -0.31
C TRP A 25 5.23 -0.31 -0.86
N CYS A 26 5.09 0.78 -0.10
CA CYS A 26 4.29 1.91 -0.51
C CYS A 26 4.94 2.67 -1.66
N SER A 27 4.11 3.29 -2.50
CA SER A 27 4.62 4.06 -3.64
C SER A 27 4.04 5.46 -3.64
N SER A 28 4.55 6.30 -2.74
CA SER A 28 4.09 7.68 -2.62
C SER A 28 4.47 8.48 -3.87
N TYR A 29 5.39 7.95 -4.65
CA TYR A 29 5.82 8.57 -5.88
C TYR A 29 4.62 8.97 -6.69
N ALA A 30 3.65 8.07 -6.70
CA ALA A 30 2.41 8.28 -7.42
C ALA A 30 1.22 7.84 -6.57
N ASN A 31 1.39 7.92 -5.26
CA ASN A 31 0.33 7.52 -4.33
C ASN A 31 -0.28 6.18 -4.74
N LYS A 32 0.30 5.09 -4.25
CA LYS A 32 -0.20 3.75 -4.57
C LYS A 32 0.76 2.68 -4.07
N CYS A 33 0.25 1.47 -3.91
CA CYS A 33 1.09 0.37 -3.44
C CYS A 33 2.09 -0.04 -4.52
N LEU A 34 3.22 -0.56 -4.09
CA LEU A 34 4.27 -1.00 -4.99
C LEU A 34 4.50 -2.50 -4.86
N ALA A 1 -13.38 -1.12 3.23
CA ALA A 1 -13.30 -2.16 4.29
C ALA A 1 -12.23 -3.20 3.97
N GLU A 2 -11.14 -2.75 3.36
CA GLU A 2 -10.04 -3.63 2.99
C GLU A 2 -9.33 -4.16 4.24
N LYS A 3 -8.60 -5.25 4.06
CA LYS A 3 -7.86 -5.86 5.18
C LYS A 3 -6.85 -4.88 5.75
N ASP A 4 -6.05 -5.36 6.71
CA ASP A 4 -5.04 -4.53 7.34
C ASP A 4 -4.01 -4.03 6.32
N CYS A 5 -3.52 -4.95 5.50
CA CYS A 5 -2.54 -4.61 4.47
C CYS A 5 -3.20 -3.92 3.29
N ILE A 6 -2.40 -3.54 2.31
CA ILE A 6 -2.91 -2.87 1.11
C ILE A 6 -2.23 -3.39 -0.15
N ALA A 7 -3.02 -4.07 -0.98
CA ALA A 7 -2.51 -4.64 -2.23
C ALA A 7 -2.22 -3.55 -3.27
N PRO A 8 -1.30 -3.84 -4.21
CA PRO A 8 -0.93 -2.89 -5.27
C PRO A 8 -2.17 -2.41 -6.02
N GLY A 9 -2.29 -1.10 -6.20
CA GLY A 9 -3.44 -0.55 -6.88
C GLY A 9 -4.27 0.34 -5.97
N ALA A 10 -4.21 0.06 -4.67
CA ALA A 10 -4.96 0.86 -3.70
C ALA A 10 -4.11 2.02 -3.19
N PRO A 11 -4.70 3.22 -3.04
CA PRO A 11 -3.97 4.39 -2.55
C PRO A 11 -3.52 4.22 -1.11
N CYS A 12 -2.33 3.64 -0.95
CA CYS A 12 -1.76 3.40 0.36
C CYS A 12 -1.32 4.72 0.99
N PHE A 13 -0.97 5.69 0.14
CA PHE A 13 -0.52 6.99 0.59
C PHE A 13 -1.39 7.52 1.73
N GLY A 14 -0.95 7.31 2.96
CA GLY A 14 -1.70 7.77 4.11
C GLY A 14 -2.41 6.64 4.83
N THR A 15 -1.85 5.44 4.74
CA THR A 15 -2.42 4.26 5.38
C THR A 15 -1.48 3.69 6.44
N ASP A 16 -0.34 4.35 6.66
CA ASP A 16 0.65 3.90 7.64
C ASP A 16 0.90 2.40 7.55
N LYS A 17 0.65 1.82 6.37
CA LYS A 17 0.86 0.39 6.16
C LYS A 17 1.39 0.12 4.76
N PRO A 18 2.45 -0.71 4.65
CA PRO A 18 3.05 -1.04 3.36
C PRO A 18 2.22 -2.06 2.58
N CYS A 19 2.81 -2.59 1.50
CA CYS A 19 2.12 -3.58 0.67
C CYS A 19 2.00 -4.90 1.42
N CYS A 20 0.89 -5.60 1.19
CA CYS A 20 0.66 -6.89 1.84
C CYS A 20 1.89 -7.78 1.73
N ASN A 21 2.60 -7.66 0.61
CA ASN A 21 3.81 -8.45 0.39
C ASN A 21 4.94 -7.98 1.31
N PRO A 22 5.67 -8.91 1.94
CA PRO A 22 6.77 -8.57 2.84
C PRO A 22 7.99 -8.01 2.11
N ARG A 23 7.85 -7.78 0.82
CA ARG A 23 8.94 -7.24 0.02
C ARG A 23 8.53 -5.96 -0.70
N ALA A 24 7.26 -5.60 -0.62
CA ALA A 24 6.77 -4.39 -1.27
C ALA A 24 6.31 -3.35 -0.25
N TRP A 25 6.52 -2.08 -0.56
CA TRP A 25 6.13 -0.98 0.34
C TRP A 25 5.25 0.03 -0.38
N CYS A 26 4.88 1.09 0.34
CA CYS A 26 4.04 2.14 -0.20
C CYS A 26 4.66 2.80 -1.43
N SER A 27 3.82 3.42 -2.26
CA SER A 27 4.28 4.08 -3.47
C SER A 27 3.61 5.45 -3.62
N SER A 28 4.09 6.42 -2.85
CA SER A 28 3.54 7.77 -2.90
C SER A 28 3.85 8.43 -4.24
N TYR A 29 4.83 7.87 -4.94
CA TYR A 29 5.23 8.37 -6.24
C TYR A 29 4.00 8.50 -7.12
N ALA A 30 3.14 7.52 -7.00
CA ALA A 30 1.90 7.47 -7.76
C ALA A 30 0.71 7.16 -6.86
N ASN A 31 0.85 7.50 -5.59
CA ASN A 31 -0.20 7.26 -4.60
C ASN A 31 -0.77 5.84 -4.75
N LYS A 32 -0.13 4.88 -4.10
CA LYS A 32 -0.56 3.48 -4.13
C LYS A 32 0.53 2.57 -3.65
N CYS A 33 0.21 1.29 -3.53
CA CYS A 33 1.17 0.31 -3.08
C CYS A 33 2.22 0.05 -4.15
N LEU A 34 3.46 -0.07 -3.70
CA LEU A 34 4.58 -0.31 -4.60
C LEU A 34 5.03 -1.78 -4.54
N ALA A 1 -12.70 0.27 3.71
CA ALA A 1 -11.97 -0.25 4.90
C ALA A 1 -11.24 -1.54 4.58
N GLU A 2 -10.04 -1.40 4.01
CA GLU A 2 -9.22 -2.56 3.65
C GLU A 2 -8.71 -3.27 4.90
N LYS A 3 -8.23 -4.50 4.72
CA LYS A 3 -7.70 -5.29 5.82
C LYS A 3 -6.38 -4.71 6.32
N ASP A 4 -5.68 -5.48 7.15
CA ASP A 4 -4.40 -5.03 7.70
C ASP A 4 -3.42 -4.68 6.59
N CYS A 5 -3.59 -5.31 5.42
CA CYS A 5 -2.73 -5.05 4.28
C CYS A 5 -3.54 -4.60 3.07
N ILE A 6 -2.85 -4.05 2.07
CA ILE A 6 -3.51 -3.58 0.85
C ILE A 6 -2.93 -4.26 -0.38
N ALA A 7 -3.78 -4.46 -1.39
CA ALA A 7 -3.35 -5.10 -2.63
C ALA A 7 -2.43 -4.19 -3.43
N PRO A 8 -1.39 -4.76 -4.06
CA PRO A 8 -0.43 -3.98 -4.87
C PRO A 8 -1.11 -3.24 -6.01
N GLY A 9 -0.82 -1.95 -6.12
CA GLY A 9 -1.41 -1.14 -7.17
C GLY A 9 -2.53 -0.27 -6.67
N ALA A 10 -3.17 -0.68 -5.57
CA ALA A 10 -4.27 0.08 -5.00
C ALA A 10 -3.78 1.38 -4.37
N PRO A 11 -4.67 2.37 -4.23
CA PRO A 11 -4.31 3.67 -3.64
C PRO A 11 -4.02 3.55 -2.15
N CYS A 12 -2.77 3.22 -1.82
CA CYS A 12 -2.38 3.07 -0.43
C CYS A 12 -1.89 4.39 0.17
N PHE A 13 -1.81 5.44 -0.67
CA PHE A 13 -1.37 6.76 -0.24
C PHE A 13 -1.50 6.96 1.27
N GLY A 14 -0.41 7.43 1.90
CA GLY A 14 -0.42 7.64 3.33
C GLY A 14 0.54 6.72 4.06
N THR A 15 0.92 5.63 3.39
CA THR A 15 1.85 4.65 3.93
C THR A 15 1.40 4.12 5.30
N ASP A 16 0.14 4.38 5.65
CA ASP A 16 -0.39 3.91 6.93
C ASP A 16 -0.73 2.42 6.87
N LYS A 17 -0.37 1.79 5.76
CA LYS A 17 -0.62 0.36 5.57
C LYS A 17 0.08 -0.14 4.30
N PRO A 18 1.30 -0.70 4.45
CA PRO A 18 2.06 -1.21 3.30
C PRO A 18 1.37 -2.38 2.62
N CYS A 19 2.03 -2.93 1.62
CA CYS A 19 1.51 -4.06 0.87
C CYS A 19 1.52 -5.33 1.72
N CYS A 20 0.62 -6.25 1.42
CA CYS A 20 0.54 -7.50 2.16
C CYS A 20 1.88 -8.24 2.06
N ASN A 21 2.53 -8.12 0.91
CA ASN A 21 3.82 -8.75 0.69
C ASN A 21 4.91 -8.08 1.53
N PRO A 22 5.81 -8.88 2.13
CA PRO A 22 6.89 -8.34 2.96
C PRO A 22 7.97 -7.64 2.16
N ARG A 23 7.75 -7.51 0.86
CA ARG A 23 8.71 -6.86 -0.03
C ARG A 23 8.07 -5.65 -0.74
N ALA A 24 6.76 -5.48 -0.58
CA ALA A 24 6.06 -4.37 -1.22
C ALA A 24 5.71 -3.29 -0.20
N TRP A 25 6.02 -2.04 -0.54
CA TRP A 25 5.73 -0.92 0.36
C TRP A 25 4.84 0.11 -0.32
N CYS A 26 4.29 1.02 0.49
CA CYS A 26 3.40 2.07 -0.02
C CYS A 26 4.14 3.12 -0.84
N SER A 27 3.41 3.81 -1.70
CA SER A 27 3.97 4.85 -2.54
C SER A 27 3.03 6.05 -2.61
N SER A 28 3.01 6.84 -1.54
CA SER A 28 2.15 8.02 -1.48
C SER A 28 2.59 9.06 -2.49
N TYR A 29 3.82 8.93 -2.97
CA TYR A 29 4.37 9.83 -3.96
C TYR A 29 3.39 9.96 -5.11
N ALA A 30 2.83 8.83 -5.46
CA ALA A 30 1.85 8.75 -6.54
C ALA A 30 0.63 7.96 -6.13
N ASN A 31 0.37 7.93 -4.82
CA ASN A 31 -0.78 7.20 -4.28
C ASN A 31 -0.90 5.82 -4.91
N LYS A 32 -0.16 4.85 -4.37
CA LYS A 32 -0.19 3.48 -4.89
C LYS A 32 0.89 2.63 -4.24
N CYS A 33 0.62 1.34 -4.10
CA CYS A 33 1.59 0.42 -3.50
C CYS A 33 2.76 0.19 -4.44
N LEU A 34 3.71 -0.59 -3.95
CA LEU A 34 4.91 -0.93 -4.70
C LEU A 34 5.15 -2.43 -4.67
N ALA A 1 -15.27 -4.18 3.43
CA ALA A 1 -14.19 -3.38 4.06
C ALA A 1 -12.81 -3.93 3.69
N GLU A 2 -11.90 -3.03 3.37
CA GLU A 2 -10.54 -3.42 3.00
C GLU A 2 -9.82 -4.05 4.18
N LYS A 3 -8.89 -4.96 3.88
CA LYS A 3 -8.12 -5.64 4.91
C LYS A 3 -7.14 -4.68 5.59
N ASP A 4 -6.47 -5.15 6.62
CA ASP A 4 -5.51 -4.34 7.35
C ASP A 4 -4.36 -3.91 6.44
N CYS A 5 -3.95 -4.81 5.56
CA CYS A 5 -2.86 -4.53 4.63
C CYS A 5 -3.38 -3.84 3.38
N ILE A 6 -2.48 -3.17 2.65
CA ILE A 6 -2.84 -2.46 1.44
C ILE A 6 -2.82 -3.39 0.23
N ALA A 7 -3.97 -3.58 -0.39
CA ALA A 7 -4.09 -4.44 -1.57
C ALA A 7 -3.16 -3.97 -2.69
N PRO A 8 -2.86 -4.85 -3.65
CA PRO A 8 -1.98 -4.51 -4.78
C PRO A 8 -2.54 -3.37 -5.62
N GLY A 9 -1.69 -2.39 -5.89
CA GLY A 9 -2.10 -1.23 -6.68
C GLY A 9 -3.06 -0.34 -5.93
N ALA A 10 -3.15 -0.51 -4.61
CA ALA A 10 -4.03 0.30 -3.79
C ALA A 10 -3.28 1.49 -3.19
N PRO A 11 -3.94 2.66 -3.11
CA PRO A 11 -3.32 3.86 -2.55
C PRO A 11 -2.89 3.67 -1.10
N CYS A 12 -1.65 3.21 -0.91
CA CYS A 12 -1.11 2.99 0.41
C CYS A 12 -0.86 4.31 1.11
N PHE A 13 -0.48 5.31 0.32
CA PHE A 13 -0.20 6.64 0.86
C PHE A 13 -1.41 7.19 1.62
N GLY A 14 -1.35 7.12 2.93
CA GLY A 14 -2.46 7.61 3.75
C GLY A 14 -2.61 6.85 5.05
N THR A 15 -2.05 5.64 5.10
CA THR A 15 -2.13 4.81 6.29
C THR A 15 -0.74 4.36 6.75
N ASP A 16 0.29 5.04 6.27
CA ASP A 16 1.67 4.72 6.63
C ASP A 16 1.93 3.20 6.62
N LYS A 17 1.14 2.48 5.82
CA LYS A 17 1.29 1.03 5.72
C LYS A 17 1.60 0.61 4.28
N PRO A 18 2.56 -0.31 4.09
CA PRO A 18 2.95 -0.79 2.77
C PRO A 18 1.96 -1.81 2.21
N CYS A 19 2.30 -2.39 1.06
CA CYS A 19 1.45 -3.38 0.42
C CYS A 19 1.45 -4.69 1.21
N CYS A 20 0.40 -5.49 1.03
CA CYS A 20 0.28 -6.77 1.73
C CYS A 20 1.50 -7.65 1.47
N ASN A 21 2.21 -7.39 0.37
CA ASN A 21 3.38 -8.15 0.01
C ASN A 21 4.54 -7.85 0.97
N PRO A 22 5.28 -8.89 1.41
CA PRO A 22 6.40 -8.72 2.34
C PRO A 22 7.60 -8.02 1.72
N ARG A 23 7.46 -7.59 0.47
CA ARG A 23 8.54 -6.90 -0.23
C ARG A 23 8.01 -5.69 -1.01
N ALA A 24 6.76 -5.33 -0.77
CA ALA A 24 6.15 -4.20 -1.45
C ALA A 24 6.17 -2.95 -0.58
N TRP A 25 6.91 -1.93 -1.00
CA TRP A 25 7.02 -0.69 -0.25
C TRP A 25 5.99 0.33 -0.73
N CYS A 26 5.73 1.34 0.10
CA CYS A 26 4.78 2.38 -0.23
C CYS A 26 5.32 3.28 -1.34
N SER A 27 4.43 3.70 -2.24
CA SER A 27 4.83 4.56 -3.34
C SER A 27 3.95 5.81 -3.41
N SER A 28 4.28 6.79 -2.57
CA SER A 28 3.53 8.04 -2.54
C SER A 28 3.67 8.80 -3.85
N TYR A 29 4.68 8.45 -4.62
CA TYR A 29 4.92 9.06 -5.91
C TYR A 29 3.65 9.06 -6.72
N ALA A 30 2.96 7.94 -6.62
CA ALA A 30 1.69 7.75 -7.34
C ALA A 30 0.61 7.22 -6.41
N ASN A 31 0.75 7.47 -5.11
CA ASN A 31 -0.23 7.01 -4.13
C ASN A 31 -0.59 5.54 -4.37
N LYS A 32 0.29 4.64 -3.93
CA LYS A 32 0.07 3.21 -4.09
C LYS A 32 1.29 2.41 -3.66
N CYS A 33 1.06 1.33 -2.92
CA CYS A 33 2.14 0.49 -2.46
C CYS A 33 2.78 -0.28 -3.62
N LEU A 34 4.02 0.06 -3.94
CA LEU A 34 4.74 -0.59 -5.03
C LEU A 34 5.14 -2.00 -4.65
N ALA A 1 -13.63 -0.78 2.49
CA ALA A 1 -12.56 -0.99 3.51
C ALA A 1 -11.91 -2.37 3.34
N GLU A 2 -10.83 -2.41 2.58
CA GLU A 2 -10.11 -3.66 2.34
C GLU A 2 -9.53 -4.21 3.64
N LYS A 3 -8.78 -5.30 3.53
CA LYS A 3 -8.16 -5.92 4.69
C LYS A 3 -7.16 -4.98 5.36
N ASP A 4 -6.45 -5.48 6.36
CA ASP A 4 -5.46 -4.69 7.06
C ASP A 4 -4.35 -4.21 6.13
N CYS A 5 -3.68 -5.16 5.48
CA CYS A 5 -2.60 -4.84 4.56
C CYS A 5 -3.16 -4.19 3.28
N ILE A 6 -2.33 -3.40 2.63
CA ILE A 6 -2.74 -2.72 1.39
C ILE A 6 -2.62 -3.65 0.19
N ALA A 7 -3.72 -3.78 -0.55
CA ALA A 7 -3.74 -4.64 -1.73
C ALA A 7 -2.88 -4.05 -2.86
N PRO A 8 -2.42 -4.90 -3.78
CA PRO A 8 -1.60 -4.46 -4.91
C PRO A 8 -2.34 -3.48 -5.82
N GLY A 9 -1.68 -2.38 -6.16
CA GLY A 9 -2.30 -1.39 -7.02
C GLY A 9 -3.35 -0.56 -6.31
N ALA A 10 -3.47 -0.75 -4.99
CA ALA A 10 -4.45 -0.02 -4.20
C ALA A 10 -3.84 1.30 -3.67
N PRO A 11 -4.64 2.37 -3.62
CA PRO A 11 -4.18 3.67 -3.15
C PRO A 11 -3.81 3.63 -1.66
N CYS A 12 -2.55 3.29 -1.39
CA CYS A 12 -2.06 3.21 -0.03
C CYS A 12 -1.78 4.60 0.54
N PHE A 13 -1.74 5.60 -0.36
CA PHE A 13 -1.47 7.00 0.02
C PHE A 13 -1.65 7.24 1.52
N GLY A 14 -0.58 7.08 2.27
CA GLY A 14 -0.61 7.28 3.70
C GLY A 14 0.67 6.84 4.37
N THR A 15 1.16 5.69 3.94
CA THR A 15 2.40 5.11 4.46
C THR A 15 2.22 4.50 5.85
N ASP A 16 1.04 4.68 6.45
CA ASP A 16 0.77 4.14 7.77
C ASP A 16 0.54 2.63 7.73
N LYS A 17 0.74 2.03 6.56
CA LYS A 17 0.55 0.60 6.39
C LYS A 17 1.06 0.15 5.02
N PRO A 18 2.19 -0.59 4.98
CA PRO A 18 2.76 -1.07 3.72
C PRO A 18 1.90 -2.15 3.08
N CYS A 19 2.36 -2.68 1.96
CA CYS A 19 1.63 -3.72 1.25
C CYS A 19 1.66 -5.03 2.01
N CYS A 20 0.75 -5.94 1.69
CA CYS A 20 0.69 -7.23 2.35
C CYS A 20 2.00 -7.98 2.16
N ASN A 21 2.56 -7.88 0.96
CA ASN A 21 3.82 -8.53 0.64
C ASN A 21 4.98 -7.88 1.39
N PRO A 22 5.91 -8.69 1.93
CA PRO A 22 7.07 -8.17 2.67
C PRO A 22 8.09 -7.48 1.77
N ARG A 23 7.77 -7.38 0.49
CA ARG A 23 8.65 -6.74 -0.48
C ARG A 23 7.99 -5.50 -1.10
N ALA A 24 6.70 -5.32 -0.83
CA ALA A 24 5.97 -4.18 -1.39
C ALA A 24 5.80 -3.09 -0.32
N TRP A 25 6.07 -1.84 -0.72
CA TRP A 25 5.95 -0.73 0.20
C TRP A 25 5.02 0.34 -0.35
N CYS A 26 4.70 1.32 0.48
CA CYS A 26 3.80 2.40 0.11
C CYS A 26 4.46 3.35 -0.92
N SER A 27 3.68 3.78 -1.91
CA SER A 27 4.18 4.69 -2.93
C SER A 27 3.28 5.93 -3.03
N SER A 28 3.48 6.87 -2.11
CA SER A 28 2.70 8.09 -2.09
C SER A 28 3.02 8.96 -3.30
N TYR A 29 4.15 8.68 -3.94
CA TYR A 29 4.56 9.39 -5.13
C TYR A 29 3.43 9.41 -6.12
N ALA A 30 2.77 8.27 -6.21
CA ALA A 30 1.64 8.10 -7.11
C ALA A 30 0.44 7.51 -6.37
N ASN A 31 0.43 7.64 -5.05
CA ASN A 31 -0.65 7.13 -4.23
C ASN A 31 -1.01 5.68 -4.63
N LYS A 32 -0.25 4.73 -4.10
CA LYS A 32 -0.46 3.31 -4.41
C LYS A 32 0.67 2.45 -3.87
N CYS A 33 0.38 1.16 -3.71
CA CYS A 33 1.38 0.21 -3.21
C CYS A 33 2.48 -0.04 -4.25
N LEU A 34 3.65 -0.46 -3.77
CA LEU A 34 4.77 -0.76 -4.64
C LEU A 34 4.96 -2.26 -4.79
N ALA A 1 -14.81 -3.84 2.99
CA ALA A 1 -14.07 -3.80 4.28
C ALA A 1 -12.64 -4.28 4.10
N GLU A 2 -11.78 -3.38 3.59
CA GLU A 2 -10.39 -3.71 3.36
C GLU A 2 -9.65 -3.92 4.69
N LYS A 3 -8.78 -4.92 4.73
CA LYS A 3 -8.02 -5.22 5.93
C LYS A 3 -7.01 -4.11 6.22
N ASP A 4 -6.15 -4.36 7.21
CA ASP A 4 -5.13 -3.37 7.59
C ASP A 4 -4.17 -3.12 6.43
N CYS A 5 -3.61 -4.19 5.89
CA CYS A 5 -2.68 -4.08 4.78
C CYS A 5 -3.39 -3.65 3.50
N ILE A 6 -2.67 -2.93 2.64
CA ILE A 6 -3.24 -2.44 1.39
C ILE A 6 -2.92 -3.38 0.23
N ALA A 7 -3.85 -3.48 -0.71
CA ALA A 7 -3.66 -4.33 -1.88
C ALA A 7 -2.60 -3.75 -2.82
N PRO A 8 -1.83 -4.61 -3.49
CA PRO A 8 -0.78 -4.16 -4.42
C PRO A 8 -1.34 -3.36 -5.60
N GLY A 9 -0.75 -2.21 -5.85
CA GLY A 9 -1.20 -1.36 -6.95
C GLY A 9 -2.25 -0.35 -6.51
N ALA A 10 -2.84 -0.57 -5.34
CA ALA A 10 -3.84 0.33 -4.81
C ALA A 10 -3.22 1.49 -4.03
N PRO A 11 -3.91 2.63 -3.94
CA PRO A 11 -3.41 3.80 -3.21
C PRO A 11 -3.15 3.48 -1.75
N CYS A 12 -1.92 3.06 -1.46
CA CYS A 12 -1.53 2.72 -0.11
C CYS A 12 -1.46 3.98 0.75
N PHE A 13 -1.18 5.11 0.10
CA PHE A 13 -1.09 6.39 0.79
C PHE A 13 -2.23 6.57 1.80
N GLY A 14 -1.90 7.10 2.97
CA GLY A 14 -2.90 7.33 3.99
C GLY A 14 -2.85 6.31 5.11
N THR A 15 -2.14 5.22 4.90
CA THR A 15 -2.02 4.17 5.91
C THR A 15 -0.60 4.09 6.48
N ASP A 16 0.30 4.94 5.97
CA ASP A 16 1.69 4.96 6.42
C ASP A 16 2.27 3.55 6.52
N LYS A 17 1.69 2.62 5.77
CA LYS A 17 2.16 1.24 5.78
C LYS A 17 2.05 0.62 4.39
N PRO A 18 2.95 -0.31 4.04
CA PRO A 18 2.94 -0.96 2.73
C PRO A 18 1.85 -2.01 2.60
N CYS A 19 1.83 -2.69 1.46
CA CYS A 19 0.84 -3.72 1.19
C CYS A 19 1.11 -4.96 2.04
N CYS A 20 0.16 -5.89 2.02
CA CYS A 20 0.29 -7.14 2.78
C CYS A 20 1.54 -7.90 2.34
N ASN A 21 1.89 -7.75 1.06
CA ASN A 21 3.06 -8.41 0.50
C ASN A 21 4.34 -7.80 1.06
N PRO A 22 5.21 -8.61 1.71
CA PRO A 22 6.47 -8.12 2.29
C PRO A 22 7.46 -7.60 1.24
N ARG A 23 7.07 -7.66 -0.02
CA ARG A 23 7.93 -7.19 -1.11
C ARG A 23 7.37 -5.91 -1.72
N ALA A 24 6.07 -5.68 -1.55
CA ALA A 24 5.42 -4.49 -2.08
C ALA A 24 5.41 -3.36 -1.05
N TRP A 25 6.24 -2.35 -1.27
CA TRP A 25 6.33 -1.23 -0.36
C TRP A 25 5.42 -0.09 -0.81
N CYS A 26 5.18 0.86 0.10
CA CYS A 26 4.33 2.00 -0.19
C CYS A 26 5.00 2.96 -1.17
N SER A 27 4.20 3.61 -2.01
CA SER A 27 4.72 4.57 -2.98
C SER A 27 3.87 5.82 -3.03
N SER A 28 4.12 6.73 -2.08
CA SER A 28 3.38 7.98 -2.00
C SER A 28 3.65 8.85 -3.21
N TYR A 29 4.70 8.53 -3.96
CA TYR A 29 5.05 9.25 -5.15
C TYR A 29 3.83 9.47 -6.00
N ALA A 30 3.03 8.42 -6.08
CA ALA A 30 1.79 8.45 -6.85
C ALA A 30 0.67 7.75 -6.10
N ASN A 31 0.73 7.80 -4.76
CA ASN A 31 -0.27 7.16 -3.92
C ASN A 31 -0.58 5.75 -4.41
N LYS A 32 0.25 4.80 -4.01
CA LYS A 32 0.08 3.42 -4.41
C LYS A 32 1.29 2.59 -4.01
N CYS A 33 1.13 1.27 -3.98
CA CYS A 33 2.23 0.40 -3.62
C CYS A 33 3.31 0.40 -4.68
N LEU A 34 4.39 -0.30 -4.37
CA LEU A 34 5.52 -0.39 -5.25
C LEU A 34 5.87 -1.86 -5.53
N ALA A 1 -14.67 -4.20 4.46
CA ALA A 1 -13.50 -3.47 5.03
C ALA A 1 -12.21 -4.23 4.77
N GLU A 2 -11.31 -3.61 4.01
CA GLU A 2 -10.02 -4.23 3.68
C GLU A 2 -9.22 -4.52 4.94
N LYS A 3 -8.42 -5.57 4.90
CA LYS A 3 -7.59 -5.96 6.04
C LYS A 3 -6.64 -4.83 6.42
N ASP A 4 -5.62 -5.15 7.22
CA ASP A 4 -4.65 -4.17 7.65
C ASP A 4 -3.76 -3.74 6.48
N CYS A 5 -3.54 -4.66 5.55
CA CYS A 5 -2.72 -4.38 4.38
C CYS A 5 -3.55 -3.79 3.25
N ILE A 6 -2.90 -3.46 2.14
CA ILE A 6 -3.59 -2.88 1.00
C ILE A 6 -3.35 -3.71 -0.26
N ALA A 7 -4.31 -3.66 -1.18
CA ALA A 7 -4.20 -4.42 -2.42
C ALA A 7 -3.13 -3.82 -3.35
N PRO A 8 -2.62 -4.62 -4.29
CA PRO A 8 -1.59 -4.18 -5.24
C PRO A 8 -2.06 -3.01 -6.10
N GLY A 9 -1.24 -1.98 -6.19
CA GLY A 9 -1.58 -0.81 -6.99
C GLY A 9 -2.65 0.04 -6.34
N ALA A 10 -2.97 -0.25 -5.08
CA ALA A 10 -3.99 0.52 -4.36
C ALA A 10 -3.40 1.75 -3.71
N PRO A 11 -4.10 2.89 -3.77
CA PRO A 11 -3.62 4.15 -3.16
C PRO A 11 -3.28 3.97 -1.69
N CYS A 12 -2.03 3.61 -1.42
CA CYS A 12 -1.57 3.41 -0.06
C CYS A 12 -1.47 4.75 0.67
N PHE A 13 -1.15 5.79 -0.09
CA PHE A 13 -1.03 7.14 0.48
C PHE A 13 -2.23 7.46 1.38
N GLY A 14 -2.00 7.50 2.68
CA GLY A 14 -3.06 7.81 3.62
C GLY A 14 -2.76 7.35 5.02
N THR A 15 -1.92 6.34 5.15
CA THR A 15 -1.54 5.81 6.45
C THR A 15 -0.22 5.04 6.38
N ASP A 16 0.65 5.47 5.46
CA ASP A 16 1.96 4.84 5.27
C ASP A 16 1.87 3.31 5.33
N LYS A 17 0.71 2.78 4.99
CA LYS A 17 0.51 1.33 4.99
C LYS A 17 1.01 0.72 3.69
N PRO A 18 2.00 -0.19 3.75
CA PRO A 18 2.56 -0.84 2.57
C PRO A 18 1.66 -1.94 2.03
N CYS A 19 2.13 -2.61 0.97
CA CYS A 19 1.39 -3.70 0.36
C CYS A 19 1.36 -4.92 1.26
N CYS A 20 0.39 -5.80 1.04
CA CYS A 20 0.26 -7.01 1.84
C CYS A 20 1.52 -7.86 1.72
N ASN A 21 2.17 -7.78 0.56
CA ASN A 21 3.40 -8.53 0.31
C ASN A 21 4.55 -7.99 1.15
N PRO A 22 5.36 -8.88 1.76
CA PRO A 22 6.50 -8.47 2.57
C PRO A 22 7.65 -7.88 1.75
N ARG A 23 7.45 -7.79 0.45
CA ARG A 23 8.45 -7.24 -0.45
C ARG A 23 7.97 -5.94 -1.11
N ALA A 24 6.67 -5.64 -0.94
CA ALA A 24 6.11 -4.44 -1.52
C ALA A 24 5.79 -3.40 -0.44
N TRP A 25 6.27 -2.18 -0.63
CA TRP A 25 6.03 -1.11 0.34
C TRP A 25 5.25 0.03 -0.30
N CYS A 26 4.56 0.80 0.54
CA CYS A 26 3.75 1.92 0.08
C CYS A 26 4.58 2.91 -0.74
N SER A 27 4.07 3.26 -1.92
CA SER A 27 4.74 4.21 -2.79
C SER A 27 3.99 5.53 -2.84
N SER A 28 4.25 6.38 -1.85
CA SER A 28 3.59 7.68 -1.77
C SER A 28 4.00 8.58 -2.93
N TYR A 29 5.09 8.21 -3.59
CA TYR A 29 5.57 8.95 -4.73
C TYR A 29 4.43 9.20 -5.69
N ALA A 30 3.62 8.17 -5.86
CA ALA A 30 2.47 8.22 -6.73
C ALA A 30 1.25 7.62 -6.06
N ASN A 31 1.23 7.67 -4.73
CA ASN A 31 0.12 7.13 -3.95
C ASN A 31 -0.30 5.75 -4.46
N LYS A 32 0.42 4.72 -4.00
CA LYS A 32 0.12 3.35 -4.42
C LYS A 32 1.19 2.39 -3.92
N CYS A 33 0.80 1.15 -3.68
CA CYS A 33 1.72 0.13 -3.21
C CYS A 33 2.75 -0.20 -4.29
N LEU A 34 4.02 -0.22 -3.91
CA LEU A 34 5.10 -0.52 -4.84
C LEU A 34 5.44 -2.01 -4.80
N ALA A 1 -5.60 -6.71 -0.38
CA ALA A 1 -6.84 -6.55 0.44
C ALA A 1 -6.90 -5.16 1.07
N GLU A 2 -8.07 -4.55 1.02
CA GLU A 2 -8.27 -3.21 1.58
C GLU A 2 -8.23 -3.25 3.11
N LYS A 3 -8.21 -4.46 3.69
CA LYS A 3 -8.18 -4.63 5.12
C LYS A 3 -7.00 -3.89 5.75
N ASP A 4 -6.66 -4.26 6.99
CA ASP A 4 -5.56 -3.63 7.72
C ASP A 4 -4.38 -3.34 6.80
N CYS A 5 -4.18 -4.18 5.80
CA CYS A 5 -3.08 -4.00 4.85
C CYS A 5 -3.57 -3.31 3.59
N ILE A 6 -2.63 -2.75 2.84
CA ILE A 6 -2.97 -2.03 1.61
C ILE A 6 -3.16 -2.99 0.44
N ALA A 7 -4.32 -2.89 -0.22
CA ALA A 7 -4.62 -3.74 -1.36
C ALA A 7 -3.76 -3.37 -2.56
N PRO A 8 -3.52 -4.32 -3.48
CA PRO A 8 -2.71 -4.07 -4.68
C PRO A 8 -3.28 -2.95 -5.54
N GLY A 9 -2.43 -1.99 -5.89
CA GLY A 9 -2.86 -0.87 -6.71
C GLY A 9 -3.82 0.05 -5.99
N ALA A 10 -3.82 -0.01 -4.66
CA ALA A 10 -4.70 0.83 -3.86
C ALA A 10 -3.94 1.98 -3.22
N PRO A 11 -4.53 3.20 -3.22
CA PRO A 11 -3.89 4.38 -2.63
C PRO A 11 -3.47 4.13 -1.19
N CYS A 12 -2.24 3.64 -1.01
CA CYS A 12 -1.72 3.37 0.31
C CYS A 12 -1.42 4.66 1.05
N PHE A 13 -1.08 5.70 0.30
CA PHE A 13 -0.77 7.01 0.87
C PHE A 13 -1.86 7.44 1.85
N GLY A 14 -1.65 7.17 3.13
CA GLY A 14 -2.63 7.54 4.14
C GLY A 14 -2.19 7.19 5.54
N THR A 15 -1.50 6.07 5.67
CA THR A 15 -1.01 5.63 6.98
C THR A 15 0.42 5.10 6.90
N ASP A 16 1.14 5.53 5.86
CA ASP A 16 2.53 5.11 5.66
C ASP A 16 2.72 3.62 5.86
N LYS A 17 1.65 2.84 5.71
CA LYS A 17 1.73 1.39 5.88
C LYS A 17 1.94 0.71 4.53
N PRO A 18 2.85 -0.28 4.46
CA PRO A 18 3.13 -1.00 3.22
C PRO A 18 2.00 -1.92 2.79
N CYS A 19 2.21 -2.62 1.68
CA CYS A 19 1.23 -3.55 1.15
C CYS A 19 1.10 -4.79 2.03
N CYS A 20 0.09 -5.59 1.75
CA CYS A 20 -0.14 -6.83 2.50
C CYS A 20 1.05 -7.77 2.35
N ASN A 21 1.60 -7.82 1.13
CA ASN A 21 2.74 -8.67 0.83
C ASN A 21 4.00 -8.14 1.52
N PRO A 22 4.83 -9.03 2.08
CA PRO A 22 6.08 -8.62 2.76
C PRO A 22 7.14 -8.14 1.79
N ARG A 23 6.81 -8.11 0.51
CA ARG A 23 7.74 -7.66 -0.52
C ARG A 23 7.24 -6.38 -1.19
N ALA A 24 5.99 -6.01 -0.92
CA ALA A 24 5.41 -4.81 -1.50
C ALA A 24 5.44 -3.65 -0.50
N TRP A 25 5.82 -2.47 -0.99
CA TRP A 25 5.90 -1.29 -0.13
C TRP A 25 4.99 -0.17 -0.63
N CYS A 26 4.86 0.87 0.18
CA CYS A 26 4.03 2.03 -0.16
C CYS A 26 4.65 2.85 -1.28
N SER A 27 3.80 3.37 -2.16
CA SER A 27 4.26 4.20 -3.28
C SER A 27 3.58 5.57 -3.23
N SER A 28 4.06 6.42 -2.34
CA SER A 28 3.50 7.75 -2.20
C SER A 28 3.75 8.60 -3.44
N TYR A 29 4.72 8.18 -4.25
CA TYR A 29 5.05 8.85 -5.48
C TYR A 29 3.77 9.10 -6.26
N ALA A 30 2.94 8.09 -6.25
CA ALA A 30 1.66 8.13 -6.95
C ALA A 30 0.56 7.56 -6.07
N ASN A 31 0.76 7.62 -4.75
CA ASN A 31 -0.23 7.11 -3.79
C ASN A 31 -0.76 5.75 -4.22
N LYS A 32 -0.06 4.68 -3.84
CA LYS A 32 -0.49 3.33 -4.19
C LYS A 32 0.53 2.29 -3.75
N CYS A 33 0.07 1.06 -3.59
CA CYS A 33 0.93 -0.05 -3.17
C CYS A 33 1.90 -0.43 -4.29
N LEU A 34 3.02 -1.03 -3.91
CA LEU A 34 4.03 -1.46 -4.88
C LEU A 34 4.17 -2.97 -4.87
N ALA A 1 -14.42 -4.44 5.39
CA ALA A 1 -13.56 -4.13 4.22
C ALA A 1 -12.51 -5.20 4.00
N GLU A 2 -11.59 -4.94 3.07
CA GLU A 2 -10.53 -5.89 2.76
C GLU A 2 -9.67 -6.17 3.99
N LYS A 3 -8.61 -6.93 3.79
CA LYS A 3 -7.70 -7.27 4.89
C LYS A 3 -7.08 -6.02 5.50
N ASP A 4 -6.49 -6.16 6.68
CA ASP A 4 -5.86 -5.05 7.36
C ASP A 4 -4.82 -4.37 6.47
N CYS A 5 -4.11 -5.16 5.68
CA CYS A 5 -3.11 -4.65 4.78
C CYS A 5 -3.74 -3.86 3.64
N ILE A 6 -2.95 -3.61 2.59
CA ILE A 6 -3.45 -2.87 1.43
C ILE A 6 -3.20 -3.65 0.14
N ALA A 7 -4.14 -3.53 -0.79
CA ALA A 7 -4.05 -4.20 -2.08
C ALA A 7 -2.96 -3.58 -2.95
N PRO A 8 -2.30 -4.39 -3.80
CA PRO A 8 -1.24 -3.91 -4.69
C PRO A 8 -1.77 -2.90 -5.71
N GLY A 9 -1.08 -1.78 -5.83
CA GLY A 9 -1.48 -0.75 -6.78
C GLY A 9 -2.55 0.18 -6.22
N ALA A 10 -3.07 -0.14 -5.04
CA ALA A 10 -4.09 0.68 -4.42
C ALA A 10 -3.50 1.98 -3.86
N PRO A 11 -4.17 3.12 -4.07
CA PRO A 11 -3.70 4.42 -3.57
C PRO A 11 -3.51 4.42 -2.06
N CYS A 12 -2.31 4.04 -1.63
CA CYS A 12 -1.99 3.98 -0.22
C CYS A 12 -1.29 5.25 0.26
N PHE A 13 -1.17 6.23 -0.65
CA PHE A 13 -0.51 7.51 -0.35
C PHE A 13 -0.54 7.83 1.15
N GLY A 14 0.54 7.48 1.83
CA GLY A 14 0.63 7.73 3.27
C GLY A 14 1.83 7.07 3.89
N THR A 15 2.04 5.81 3.51
CA THR A 15 3.17 5.01 4.00
C THR A 15 2.87 4.39 5.37
N ASP A 16 1.83 4.87 6.04
CA ASP A 16 1.45 4.35 7.35
C ASP A 16 0.67 3.04 7.23
N LYS A 17 0.69 2.44 6.04
CA LYS A 17 -0.01 1.19 5.81
C LYS A 17 0.35 0.61 4.44
N PRO A 18 1.49 -0.11 4.36
CA PRO A 18 1.94 -0.72 3.11
C PRO A 18 1.10 -1.93 2.72
N CYS A 19 1.50 -2.58 1.63
CA CYS A 19 0.78 -3.76 1.15
C CYS A 19 0.99 -4.95 2.08
N CYS A 20 0.07 -5.91 2.02
CA CYS A 20 0.17 -7.09 2.86
C CYS A 20 1.48 -7.84 2.59
N ASN A 21 1.99 -7.68 1.37
CA ASN A 21 3.24 -8.33 0.97
C ASN A 21 4.42 -7.71 1.71
N PRO A 22 5.29 -8.53 2.32
CA PRO A 22 6.46 -8.04 3.05
C PRO A 22 7.51 -7.41 2.14
N ARG A 23 7.24 -7.41 0.85
CA ARG A 23 8.16 -6.83 -0.14
C ARG A 23 7.53 -5.65 -0.85
N ALA A 24 6.21 -5.48 -0.69
CA ALA A 24 5.49 -4.38 -1.33
C ALA A 24 5.28 -3.22 -0.36
N TRP A 25 5.95 -2.11 -0.62
CA TRP A 25 5.83 -0.93 0.24
C TRP A 25 5.06 0.18 -0.46
N CYS A 26 4.41 1.02 0.33
CA CYS A 26 3.61 2.13 -0.21
C CYS A 26 4.45 3.04 -1.11
N SER A 27 3.77 3.74 -2.00
CA SER A 27 4.42 4.67 -2.92
C SER A 27 3.62 5.95 -3.05
N SER A 28 3.80 6.86 -2.09
CA SER A 28 3.10 8.12 -2.09
C SER A 28 3.54 9.00 -3.26
N TYR A 29 4.66 8.64 -3.87
CA TYR A 29 5.19 9.35 -5.01
C TYR A 29 4.10 9.49 -6.04
N ALA A 30 3.36 8.41 -6.21
CA ALA A 30 2.26 8.36 -7.16
C ALA A 30 0.98 7.84 -6.50
N ASN A 31 0.88 8.01 -5.19
CA ASN A 31 -0.29 7.57 -4.44
C ASN A 31 -0.69 6.15 -4.84
N LYS A 32 0.03 5.16 -4.33
CA LYS A 32 -0.26 3.76 -4.63
C LYS A 32 0.84 2.84 -4.08
N CYS A 33 0.44 1.65 -3.67
CA CYS A 33 1.39 0.68 -3.14
C CYS A 33 2.32 0.17 -4.23
N LEU A 34 3.54 -0.16 -3.84
CA LEU A 34 4.53 -0.66 -4.77
C LEU A 34 4.75 -2.16 -4.58
N ALA A 1 -12.96 0.93 5.02
CA ALA A 1 -12.03 0.20 5.93
C ALA A 1 -11.30 -0.90 5.20
N GLU A 2 -10.14 -0.58 4.65
CA GLU A 2 -9.33 -1.55 3.91
C GLU A 2 -8.75 -2.58 4.86
N LYS A 3 -8.30 -3.71 4.29
CA LYS A 3 -7.71 -4.78 5.09
C LYS A 3 -6.47 -4.29 5.84
N ASP A 4 -5.88 -5.17 6.64
CA ASP A 4 -4.69 -4.83 7.40
C ASP A 4 -3.55 -4.42 6.48
N CYS A 5 -3.51 -5.01 5.29
CA CYS A 5 -2.47 -4.73 4.31
C CYS A 5 -3.07 -4.13 3.04
N ILE A 6 -2.27 -3.33 2.34
CA ILE A 6 -2.72 -2.68 1.11
C ILE A 6 -2.44 -3.56 -0.11
N ALA A 7 -3.41 -3.63 -1.02
CA ALA A 7 -3.26 -4.42 -2.23
C ALA A 7 -2.25 -3.79 -3.18
N PRO A 8 -1.45 -4.61 -3.87
CA PRO A 8 -0.43 -4.12 -4.81
C PRO A 8 -1.04 -3.36 -5.98
N GLY A 9 -0.50 -2.18 -6.26
CA GLY A 9 -1.00 -1.37 -7.35
C GLY A 9 -2.17 -0.50 -6.95
N ALA A 10 -2.67 -0.67 -5.73
CA ALA A 10 -3.80 0.11 -5.24
C ALA A 10 -3.33 1.32 -4.43
N PRO A 11 -4.05 2.45 -4.51
CA PRO A 11 -3.70 3.66 -3.78
C PRO A 11 -3.57 3.40 -2.28
N CYS A 12 -2.37 3.05 -1.85
CA CYS A 12 -2.10 2.76 -0.46
C CYS A 12 -2.11 4.04 0.37
N PHE A 13 -1.80 5.16 -0.28
CA PHE A 13 -1.78 6.46 0.38
C PHE A 13 -2.98 6.64 1.31
N GLY A 14 -2.72 6.68 2.61
CA GLY A 14 -3.78 6.85 3.57
C GLY A 14 -3.90 5.70 4.56
N THR A 15 -2.92 4.80 4.55
CA THR A 15 -2.93 3.65 5.45
C THR A 15 -1.65 3.58 6.29
N ASP A 16 -0.69 4.46 6.00
CA ASP A 16 0.57 4.48 6.74
C ASP A 16 1.15 3.08 6.93
N LYS A 17 0.78 2.16 6.05
CA LYS A 17 1.27 0.79 6.12
C LYS A 17 1.68 0.29 4.73
N PRO A 18 2.69 -0.60 4.67
CA PRO A 18 3.18 -1.15 3.40
C PRO A 18 2.24 -2.20 2.83
N CYS A 19 2.64 -2.80 1.71
CA CYS A 19 1.84 -3.83 1.07
C CYS A 19 1.83 -5.12 1.87
N CYS A 20 0.85 -5.98 1.59
CA CYS A 20 0.75 -7.26 2.28
C CYS A 20 2.00 -8.10 2.07
N ASN A 21 2.52 -8.04 0.85
CA ASN A 21 3.73 -8.78 0.49
C ASN A 21 4.95 -8.18 1.17
N PRO A 22 5.88 -9.03 1.67
CA PRO A 22 7.09 -8.54 2.34
C PRO A 22 8.09 -7.90 1.39
N ARG A 23 7.71 -7.81 0.12
CA ARG A 23 8.57 -7.22 -0.90
C ARG A 23 7.93 -5.96 -1.49
N ALA A 24 6.66 -5.73 -1.16
CA ALA A 24 5.95 -4.55 -1.66
C ALA A 24 5.78 -3.50 -0.57
N TRP A 25 5.95 -2.24 -0.93
CA TRP A 25 5.83 -1.15 0.03
C TRP A 25 4.92 -0.04 -0.49
N CYS A 26 4.58 0.88 0.39
CA CYS A 26 3.72 2.01 0.06
C CYS A 26 4.43 3.00 -0.85
N SER A 27 3.69 3.57 -1.80
CA SER A 27 4.25 4.56 -2.72
C SER A 27 3.37 5.81 -2.77
N SER A 28 3.47 6.63 -1.75
CA SER A 28 2.69 7.86 -1.67
C SER A 28 3.08 8.83 -2.77
N TYR A 29 4.24 8.61 -3.36
CA TYR A 29 4.74 9.43 -4.44
C TYR A 29 3.65 9.60 -5.48
N ALA A 30 2.98 8.50 -5.73
CA ALA A 30 1.89 8.46 -6.70
C ALA A 30 0.68 7.73 -6.13
N ASN A 31 0.56 7.74 -4.81
CA ASN A 31 -0.54 7.07 -4.13
C ASN A 31 -0.80 5.69 -4.72
N LYS A 32 -0.03 4.71 -4.27
CA LYS A 32 -0.18 3.34 -4.75
C LYS A 32 0.94 2.45 -4.22
N CYS A 33 0.65 1.15 -4.12
CA CYS A 33 1.64 0.20 -3.62
C CYS A 33 2.77 -0.01 -4.63
N LEU A 34 3.71 -0.83 -4.22
CA LEU A 34 4.86 -1.16 -5.04
C LEU A 34 5.05 -2.68 -5.12
N ALA A 1 -14.07 -1.87 2.88
CA ALA A 1 -12.96 -1.32 3.71
C ALA A 1 -11.68 -2.13 3.52
N GLU A 2 -10.58 -1.43 3.26
CA GLU A 2 -9.30 -2.08 3.06
C GLU A 2 -8.88 -2.87 4.29
N LYS A 3 -8.42 -4.10 4.07
CA LYS A 3 -7.99 -4.96 5.17
C LYS A 3 -6.84 -4.33 5.93
N ASP A 4 -6.22 -5.10 6.83
CA ASP A 4 -5.11 -4.61 7.63
C ASP A 4 -3.95 -4.18 6.74
N CYS A 5 -3.74 -4.92 5.66
CA CYS A 5 -2.65 -4.61 4.73
C CYS A 5 -3.20 -3.99 3.44
N ILE A 6 -2.34 -3.27 2.72
CA ILE A 6 -2.75 -2.62 1.48
C ILE A 6 -2.42 -3.49 0.27
N ALA A 7 -3.41 -3.68 -0.61
CA ALA A 7 -3.23 -4.48 -1.80
C ALA A 7 -2.30 -3.77 -2.79
N PRO A 8 -1.48 -4.53 -3.53
CA PRO A 8 -0.55 -3.96 -4.51
C PRO A 8 -1.27 -3.22 -5.62
N GLY A 9 -0.83 -2.00 -5.91
CA GLY A 9 -1.44 -1.20 -6.94
C GLY A 9 -2.54 -0.30 -6.42
N ALA A 10 -3.05 -0.60 -5.24
CA ALA A 10 -4.11 0.20 -4.64
C ALA A 10 -3.55 1.42 -3.91
N PRO A 11 -4.32 2.52 -3.86
CA PRO A 11 -3.90 3.75 -3.18
C PRO A 11 -3.58 3.51 -1.71
N CYS A 12 -2.33 3.15 -1.43
CA CYS A 12 -1.89 2.89 -0.07
C CYS A 12 -1.64 4.18 0.69
N PHE A 13 -1.20 5.21 -0.02
CA PHE A 13 -0.90 6.51 0.59
C PHE A 13 -1.99 6.91 1.58
N GLY A 14 -1.66 6.87 2.87
CA GLY A 14 -2.61 7.24 3.90
C GLY A 14 -2.97 6.08 4.80
N THR A 15 -2.09 5.09 4.89
CA THR A 15 -2.33 3.91 5.73
C THR A 15 -1.18 3.67 6.71
N ASP A 16 -0.15 4.52 6.66
CA ASP A 16 1.00 4.39 7.54
C ASP A 16 1.49 2.94 7.66
N LYS A 17 1.21 2.14 6.63
CA LYS A 17 1.62 0.74 6.62
C LYS A 17 2.00 0.29 5.22
N PRO A 18 2.93 -0.67 5.09
CA PRO A 18 3.37 -1.18 3.79
C PRO A 18 2.36 -2.11 3.16
N CYS A 19 2.71 -2.65 2.00
CA CYS A 19 1.84 -3.56 1.27
C CYS A 19 1.75 -4.91 1.97
N CYS A 20 0.76 -5.72 1.56
CA CYS A 20 0.58 -7.04 2.15
C CYS A 20 1.84 -7.88 2.00
N ASN A 21 2.39 -7.90 0.79
CA ASN A 21 3.59 -8.65 0.50
C ASN A 21 4.81 -8.01 1.17
N PRO A 22 5.72 -8.82 1.74
CA PRO A 22 6.92 -8.31 2.41
C PRO A 22 7.93 -7.71 1.45
N ARG A 23 7.59 -7.72 0.16
CA ARG A 23 8.46 -7.17 -0.88
C ARG A 23 7.82 -5.94 -1.51
N ALA A 24 6.54 -5.72 -1.26
CA ALA A 24 5.82 -4.57 -1.81
C ALA A 24 5.74 -3.44 -0.79
N TRP A 25 6.04 -2.22 -1.23
CA TRP A 25 6.01 -1.07 -0.33
C TRP A 25 5.08 0.02 -0.85
N CYS A 26 4.84 1.02 -0.01
CA CYS A 26 3.97 2.12 -0.36
C CYS A 26 4.62 3.04 -1.39
N SER A 27 3.79 3.67 -2.23
CA SER A 27 4.29 4.57 -3.26
C SER A 27 3.46 5.86 -3.28
N SER A 28 3.73 6.76 -2.34
CA SER A 28 3.01 8.02 -2.26
C SER A 28 3.30 8.89 -3.48
N TYR A 29 4.39 8.58 -4.17
CA TYR A 29 4.78 9.30 -5.36
C TYR A 29 3.59 9.41 -6.30
N ALA A 30 2.87 8.30 -6.38
CA ALA A 30 1.70 8.21 -7.23
C ALA A 30 0.50 7.63 -6.49
N ASN A 31 0.51 7.75 -5.15
CA ASN A 31 -0.57 7.23 -4.32
C ASN A 31 -0.95 5.81 -4.73
N LYS A 32 -0.15 4.84 -4.30
CA LYS A 32 -0.39 3.43 -4.62
C LYS A 32 0.77 2.56 -4.16
N CYS A 33 0.48 1.30 -3.87
CA CYS A 33 1.50 0.37 -3.43
C CYS A 33 2.45 0.00 -4.55
N LEU A 34 3.44 -0.80 -4.20
CA LEU A 34 4.45 -1.28 -5.14
C LEU A 34 4.53 -2.80 -5.12
N ALA A 1 -15.10 -5.82 3.90
CA ALA A 1 -14.15 -5.63 5.03
C ALA A 1 -12.75 -6.10 4.63
N GLU A 2 -12.03 -5.25 3.90
CA GLU A 2 -10.68 -5.58 3.47
C GLU A 2 -9.77 -5.83 4.66
N LYS A 3 -8.71 -6.62 4.45
CA LYS A 3 -7.76 -6.93 5.51
C LYS A 3 -7.11 -5.66 6.04
N ASP A 4 -6.11 -5.84 6.92
CA ASP A 4 -5.40 -4.70 7.50
C ASP A 4 -4.52 -4.02 6.44
N CYS A 5 -4.02 -4.81 5.50
CA CYS A 5 -3.17 -4.29 4.44
C CYS A 5 -4.01 -3.80 3.27
N ILE A 6 -3.33 -3.32 2.22
CA ILE A 6 -4.02 -2.81 1.05
C ILE A 6 -3.69 -3.65 -0.19
N ALA A 7 -4.66 -3.78 -1.08
CA ALA A 7 -4.48 -4.56 -2.30
C ALA A 7 -3.53 -3.85 -3.26
N PRO A 8 -2.96 -4.60 -4.22
CA PRO A 8 -2.02 -4.03 -5.21
C PRO A 8 -2.68 -2.97 -6.08
N GLY A 9 -1.99 -1.84 -6.23
CA GLY A 9 -2.52 -0.75 -7.04
C GLY A 9 -3.38 0.20 -6.24
N ALA A 10 -3.71 -0.17 -5.00
CA ALA A 10 -4.52 0.68 -4.14
C ALA A 10 -3.77 1.93 -3.71
N PRO A 11 -4.48 3.05 -3.55
CA PRO A 11 -3.87 4.32 -3.14
C PRO A 11 -3.44 4.29 -1.68
N CYS A 12 -2.23 3.78 -1.45
CA CYS A 12 -1.69 3.69 -0.10
C CYS A 12 -1.06 5.01 0.34
N PHE A 13 -0.97 5.97 -0.58
CA PHE A 13 -0.38 7.28 -0.31
C PHE A 13 -0.51 7.67 1.17
N GLY A 14 0.62 7.64 1.88
CA GLY A 14 0.62 7.99 3.29
C GLY A 14 1.76 7.33 4.04
N THR A 15 2.10 6.13 3.61
CA THR A 15 3.18 5.35 4.22
C THR A 15 2.72 4.61 5.47
N ASP A 16 1.57 5.01 6.02
CA ASP A 16 1.04 4.39 7.22
C ASP A 16 0.28 3.09 6.89
N LYS A 17 0.48 2.57 5.68
CA LYS A 17 -0.19 1.35 5.26
C LYS A 17 0.39 0.83 3.94
N PRO A 18 1.48 0.04 4.00
CA PRO A 18 2.11 -0.51 2.81
C PRO A 18 1.27 -1.61 2.17
N CYS A 19 1.81 -2.24 1.14
CA CYS A 19 1.11 -3.32 0.44
C CYS A 19 1.02 -4.55 1.32
N CYS A 20 0.13 -5.47 0.94
CA CYS A 20 -0.06 -6.71 1.70
C CYS A 20 1.23 -7.54 1.72
N ASN A 21 2.00 -7.47 0.64
CA ASN A 21 3.24 -8.21 0.55
C ASN A 21 4.29 -7.61 1.49
N PRO A 22 5.05 -8.46 2.20
CA PRO A 22 6.10 -8.00 3.13
C PRO A 22 7.31 -7.40 2.42
N ARG A 23 7.26 -7.38 1.10
CA ARG A 23 8.34 -6.83 0.30
C ARG A 23 7.89 -5.58 -0.46
N ALA A 24 6.59 -5.31 -0.44
CA ALA A 24 6.03 -4.15 -1.12
C ALA A 24 5.79 -3.00 -0.15
N TRP A 25 6.51 -1.90 -0.34
CA TRP A 25 6.37 -0.74 0.54
C TRP A 25 5.43 0.29 -0.10
N CYS A 26 5.03 1.28 0.68
CA CYS A 26 4.13 2.32 0.20
C CYS A 26 4.83 3.23 -0.80
N SER A 27 4.07 3.69 -1.80
CA SER A 27 4.62 4.59 -2.82
C SER A 27 3.78 5.85 -2.93
N SER A 28 3.94 6.74 -1.95
CA SER A 28 3.20 7.99 -1.95
C SER A 28 3.65 8.91 -3.08
N TYR A 29 4.83 8.62 -3.61
CA TYR A 29 5.38 9.37 -4.72
C TYR A 29 4.37 9.40 -5.85
N ALA A 30 3.73 8.25 -6.02
CA ALA A 30 2.71 8.08 -7.05
C ALA A 30 1.42 7.52 -6.46
N ASN A 31 1.26 7.68 -5.15
CA ASN A 31 0.07 7.19 -4.45
C ASN A 31 -0.29 5.78 -4.89
N LYS A 32 0.35 4.78 -4.28
CA LYS A 32 0.09 3.38 -4.63
C LYS A 32 1.09 2.44 -3.97
N CYS A 33 0.67 1.22 -3.71
CA CYS A 33 1.55 0.22 -3.09
C CYS A 33 2.66 -0.18 -4.06
N LEU A 34 3.90 -0.05 -3.61
CA LEU A 34 5.04 -0.40 -4.44
C LEU A 34 5.43 -1.86 -4.27
N ALA A 1 -12.01 0.92 5.68
CA ALA A 1 -10.96 0.80 4.65
C ALA A 1 -10.73 -0.67 4.26
N GLU A 2 -9.68 -0.91 3.48
CA GLU A 2 -9.36 -2.26 3.05
C GLU A 2 -8.84 -3.10 4.22
N LYS A 3 -8.37 -4.30 3.91
CA LYS A 3 -7.85 -5.20 4.93
C LYS A 3 -6.68 -4.57 5.68
N ASP A 4 -6.07 -5.33 6.58
CA ASP A 4 -4.93 -4.84 7.35
C ASP A 4 -3.79 -4.40 6.44
N CYS A 5 -3.69 -5.05 5.28
CA CYS A 5 -2.64 -4.74 4.32
C CYS A 5 -3.24 -4.16 3.04
N ILE A 6 -2.46 -3.34 2.34
CA ILE A 6 -2.91 -2.71 1.11
C ILE A 6 -2.69 -3.62 -0.09
N ALA A 7 -3.70 -3.71 -0.96
CA ALA A 7 -3.61 -4.54 -2.15
C ALA A 7 -2.63 -3.95 -3.16
N PRO A 8 -1.98 -4.80 -3.97
CA PRO A 8 -1.02 -4.36 -4.97
C PRO A 8 -1.66 -3.45 -6.02
N GLY A 9 -1.02 -2.31 -6.26
CA GLY A 9 -1.54 -1.37 -7.25
C GLY A 9 -2.67 -0.52 -6.70
N ALA A 10 -2.93 -0.62 -5.40
CA ALA A 10 -3.99 0.14 -4.76
C ALA A 10 -3.44 1.34 -4.01
N PRO A 11 -4.14 2.49 -4.06
CA PRO A 11 -3.70 3.71 -3.37
C PRO A 11 -3.47 3.46 -1.89
N CYS A 12 -2.25 3.09 -1.55
CA CYS A 12 -1.89 2.81 -0.16
C CYS A 12 -1.81 4.12 0.64
N PHE A 13 -1.51 5.21 -0.06
CA PHE A 13 -1.39 6.53 0.57
C PHE A 13 -2.53 6.77 1.56
N GLY A 14 -2.20 6.81 2.84
CA GLY A 14 -3.20 7.04 3.87
C GLY A 14 -3.32 5.89 4.85
N THR A 15 -2.75 4.74 4.50
CA THR A 15 -2.81 3.56 5.35
C THR A 15 -1.64 3.52 6.33
N ASP A 16 -0.67 4.41 6.14
CA ASP A 16 0.51 4.47 7.01
C ASP A 16 1.15 3.09 7.17
N LYS A 17 0.85 2.19 6.24
CA LYS A 17 1.41 0.84 6.28
C LYS A 17 1.76 0.36 4.87
N PRO A 18 2.74 -0.54 4.75
CA PRO A 18 3.16 -1.07 3.45
C PRO A 18 2.19 -2.10 2.90
N CYS A 19 2.55 -2.69 1.76
CA CYS A 19 1.73 -3.69 1.10
C CYS A 19 1.71 -4.99 1.90
N CYS A 20 0.77 -5.87 1.59
CA CYS A 20 0.65 -7.16 2.27
C CYS A 20 1.93 -7.96 2.09
N ASN A 21 2.49 -7.92 0.89
CA ASN A 21 3.72 -8.64 0.59
C ASN A 21 4.92 -8.01 1.31
N PRO A 22 5.82 -8.83 1.86
CA PRO A 22 7.00 -8.33 2.58
C PRO A 22 8.04 -7.72 1.64
N ARG A 23 7.72 -7.67 0.36
CA ARG A 23 8.61 -7.10 -0.64
C ARG A 23 8.00 -5.85 -1.29
N ALA A 24 6.71 -5.62 -1.02
CA ALA A 24 6.02 -4.47 -1.59
C ALA A 24 5.94 -3.33 -0.57
N TRP A 25 6.31 -2.13 -1.00
CA TRP A 25 6.27 -0.96 -0.12
C TRP A 25 5.29 0.09 -0.64
N CYS A 26 4.96 1.04 0.22
CA CYS A 26 4.03 2.11 -0.12
C CYS A 26 4.65 3.08 -1.12
N SER A 27 3.83 3.60 -2.03
CA SER A 27 4.29 4.55 -3.03
C SER A 27 3.42 5.80 -3.03
N SER A 28 3.64 6.66 -2.05
CA SER A 28 2.88 7.90 -1.93
C SER A 28 3.18 8.84 -3.10
N TYR A 29 4.28 8.58 -3.78
CA TYR A 29 4.68 9.37 -4.94
C TYR A 29 3.49 9.50 -5.87
N ALA A 30 2.80 8.38 -6.02
CA ALA A 30 1.63 8.31 -6.88
C ALA A 30 0.49 7.61 -6.17
N ASN A 31 0.51 7.64 -4.84
CA ASN A 31 -0.53 7.00 -4.03
C ASN A 31 -0.87 5.61 -4.56
N LYS A 32 -0.08 4.62 -4.15
CA LYS A 32 -0.30 3.25 -4.59
C LYS A 32 0.81 2.33 -4.09
N CYS A 33 0.48 1.05 -3.93
CA CYS A 33 1.44 0.06 -3.47
C CYS A 33 2.49 -0.22 -4.55
N LEU A 34 3.64 -0.72 -4.13
CA LEU A 34 4.72 -1.05 -5.05
C LEU A 34 4.99 -2.55 -5.07
#